data_5V1Q
#
_entry.id   5V1Q
#
_cell.length_a   115.230
_cell.length_b   84.424
_cell.length_c   110.044
_cell.angle_alpha   90.00
_cell.angle_beta   90.00
_cell.angle_gamma   90.00
#
_symmetry.space_group_name_H-M   'P 21 21 2'
#
loop_
_entity.id
_entity.type
_entity.pdbx_description
1 polymer 'Radical SAM'
2 non-polymer 'IRON/SULFUR CLUSTER'
3 water water
#
_entity_poly.entity_id   1
_entity_poly.type   'polypeptide(L)'
_entity_poly.pdbx_seq_one_letter_code
;MGSSHHHHHHSSGLVPRGSHMRTISEDILFRLEKFGGILINKTNFERIELDETEAFFLYLVQNHGIEIATSFFKKEIEMG
KLERALSLNIYSDNNIEDSLNNPYETLQNARKHVAKLKKHNILSFPLELVIYPSMYCDLKCGFCFLANREDRNAKPAKDW
ERILRQAKDNGVLSVSILGGEPTRYFDIDNLLIACEELKIKTTITTNAQLIKKSTVEILAKSKYITPVLSLQTLDSKLNF
ELMGVRPDRQIKLAKYFNEVGKKCRINAVYTKQSYEQIIELVDFCIENKIDRFSVANYSEVTGYTKIKKKYDLADLRRLN
EYVTDYITQREANLNFATEGCHLFTAYPELINNSIEFSEFDEMYYGCRAKYTKMEIMSNGDILPCIAFLGVNQTKQNAFE
KDLLDVWYDDPLYGGIRSFRTKNSKCLSCGLLKICEGGCYVNLIKEKSPEYFRDSVCQL
;
_entity_poly.pdbx_strand_id   A,B
#
# COMPACT_ATOMS: atom_id res chain seq x y z
N ARG A 22 -3.37 6.54 -37.52
CA ARG A 22 -3.15 7.69 -36.64
C ARG A 22 -3.02 7.25 -35.19
N THR A 23 -1.78 7.17 -34.72
CA THR A 23 -1.51 6.69 -33.36
C THR A 23 -0.64 7.66 -32.57
N ILE A 24 0.08 7.13 -31.59
CA ILE A 24 0.95 7.93 -30.74
C ILE A 24 2.27 8.26 -31.44
N SER A 25 2.77 9.47 -31.21
CA SER A 25 3.99 9.94 -31.87
C SER A 25 5.20 9.09 -31.51
N GLU A 26 6.04 8.84 -32.51
CA GLU A 26 7.28 8.08 -32.31
C GLU A 26 8.24 8.82 -31.39
N ASP A 27 8.08 10.15 -31.33
CA ASP A 27 8.93 10.98 -30.48
C ASP A 27 8.54 10.88 -29.01
N ILE A 28 7.46 10.14 -28.73
CA ILE A 28 6.94 10.01 -27.37
C ILE A 28 7.03 8.57 -26.89
N LEU A 29 7.47 8.40 -25.64
CA LEU A 29 7.53 7.10 -24.99
C LEU A 29 6.33 6.93 -24.07
N PHE A 30 5.56 5.86 -24.28
CA PHE A 30 4.42 5.54 -23.43
C PHE A 30 4.55 4.12 -22.87
N ARG A 31 4.32 3.99 -21.57
CA ARG A 31 4.37 2.69 -20.91
C ARG A 31 3.29 2.56 -19.85
N LEU A 32 2.74 1.36 -19.73
CA LEU A 32 1.84 1.04 -18.62
C LEU A 32 2.65 0.88 -17.35
N GLU A 33 2.16 1.44 -16.25
CA GLU A 33 2.82 1.30 -14.96
C GLU A 33 1.83 0.83 -13.89
N LYS A 34 2.34 0.56 -12.70
CA LYS A 34 1.52 0.07 -11.60
C LYS A 34 0.47 1.09 -11.17
N PHE A 35 0.67 2.35 -11.55
CA PHE A 35 -0.22 3.44 -11.18
C PHE A 35 -0.98 3.99 -12.39
N GLY A 36 -0.99 3.21 -13.47
CA GLY A 36 -1.62 3.64 -14.70
C GLY A 36 -0.64 3.61 -15.85
N GLY A 37 -0.01 4.75 -16.12
CA GLY A 37 0.98 4.84 -17.18
C GLY A 37 1.87 6.07 -17.07
N ILE A 38 2.88 6.12 -17.92
CA ILE A 38 3.78 7.26 -18.01
C ILE A 38 3.95 7.71 -19.45
N LEU A 39 4.04 9.02 -19.65
CA LEU A 39 4.38 9.59 -20.95
C LEU A 39 5.67 10.37 -20.81
N ILE A 40 6.60 10.17 -21.75
CA ILE A 40 7.88 10.87 -21.73
C ILE A 40 8.27 11.30 -23.15
N ASN A 41 8.66 12.56 -23.27
CA ASN A 41 9.19 13.05 -24.54
C ASN A 41 10.61 12.51 -24.73
N LYS A 42 10.86 11.90 -25.87
CA LYS A 42 12.18 11.35 -26.17
C LYS A 42 13.18 12.46 -26.53
N THR A 43 12.74 13.70 -26.43
CA THR A 43 13.60 14.86 -26.67
C THR A 43 13.59 15.83 -25.50
N ASN A 44 12.43 16.45 -25.26
CA ASN A 44 12.28 17.40 -24.17
C ASN A 44 12.40 16.74 -22.80
N PHE A 45 12.10 15.45 -22.74
CA PHE A 45 12.20 14.67 -21.51
C PHE A 45 11.17 15.07 -20.46
N GLU A 46 10.25 15.96 -20.81
CA GLU A 46 9.13 16.29 -19.93
C GLU A 46 8.25 15.06 -19.80
N ARG A 47 7.60 14.90 -18.64
CA ARG A 47 6.81 13.70 -18.38
C ARG A 47 5.48 14.00 -17.70
N ILE A 48 4.53 13.09 -17.89
CA ILE A 48 3.20 13.21 -17.33
C ILE A 48 2.69 11.87 -16.82
N GLU A 49 2.24 11.84 -15.56
CA GLU A 49 1.77 10.62 -14.94
C GLU A 49 0.29 10.37 -15.23
N LEU A 50 0.00 9.25 -15.89
CA LEU A 50 -1.37 8.92 -16.30
C LEU A 50 -2.02 7.98 -15.29
N ASP A 51 -3.34 8.07 -15.18
CA ASP A 51 -4.10 7.15 -14.34
C ASP A 51 -4.50 5.91 -15.14
N GLU A 52 -5.24 5.02 -14.50
CA GLU A 52 -5.60 3.75 -15.11
C GLU A 52 -6.50 3.93 -16.34
N THR A 53 -7.46 4.84 -16.26
CA THR A 53 -8.37 5.10 -17.37
C THR A 53 -7.60 5.64 -18.58
N GLU A 54 -6.85 6.72 -18.37
CA GLU A 54 -6.08 7.34 -19.44
C GLU A 54 -5.03 6.39 -20.00
N ALA A 55 -4.45 5.57 -19.12
CA ALA A 55 -3.41 4.63 -19.53
C ALA A 55 -3.97 3.56 -20.45
N PHE A 56 -5.12 3.01 -20.10
CA PHE A 56 -5.77 1.99 -20.92
C PHE A 56 -6.27 2.61 -22.23
N PHE A 57 -6.78 3.83 -22.13
CA PHE A 57 -7.24 4.55 -23.31
C PHE A 57 -6.12 4.70 -24.33
N LEU A 58 -5.00 5.25 -23.90
CA LEU A 58 -3.88 5.53 -24.78
C LEU A 58 -3.17 4.25 -25.23
N TYR A 59 -3.28 3.20 -24.43
CA TYR A 59 -2.71 1.91 -24.80
C TYR A 59 -3.44 1.36 -26.02
N LEU A 60 -4.74 1.60 -26.08
CA LEU A 60 -5.55 1.23 -27.24
C LEU A 60 -5.30 2.20 -28.39
N VAL A 61 -5.18 3.48 -28.07
CA VAL A 61 -4.88 4.50 -29.06
C VAL A 61 -3.57 4.20 -29.78
N GLN A 62 -2.70 3.45 -29.12
CA GLN A 62 -1.40 3.09 -29.67
C GLN A 62 -1.47 1.83 -30.54
N ASN A 63 -2.34 0.90 -30.16
CA ASN A 63 -2.39 -0.41 -30.80
C ASN A 63 -3.49 -0.57 -31.84
N HIS A 64 -4.47 0.34 -31.84
CA HIS A 64 -5.64 0.19 -32.68
C HIS A 64 -6.18 1.54 -33.19
N GLY A 65 -5.36 2.57 -33.11
CA GLY A 65 -5.76 3.88 -33.59
C GLY A 65 -6.72 4.59 -32.67
N ILE A 66 -6.86 5.89 -32.86
CA ILE A 66 -7.68 6.74 -31.99
C ILE A 66 -9.17 6.39 -32.06
N GLU A 67 -9.62 5.88 -33.21
CA GLU A 67 -11.03 5.56 -33.40
C GLU A 67 -11.50 4.45 -32.47
N ILE A 68 -10.90 3.27 -32.60
CA ILE A 68 -11.25 2.12 -31.77
C ILE A 68 -11.11 2.44 -30.29
N ALA A 69 -10.15 3.29 -29.96
CA ALA A 69 -9.97 3.73 -28.58
C ALA A 69 -11.16 4.56 -28.13
N THR A 70 -11.72 5.34 -29.06
CA THR A 70 -12.86 6.18 -28.78
C THR A 70 -14.12 5.35 -28.51
N SER A 71 -14.21 4.20 -29.18
CA SER A 71 -15.33 3.28 -28.97
C SER A 71 -15.41 2.87 -27.51
N PHE A 72 -14.32 2.32 -27.00
CA PHE A 72 -14.20 2.04 -25.57
C PHE A 72 -14.17 3.36 -24.81
N PHE A 73 -14.42 3.32 -23.51
CA PHE A 73 -14.32 4.51 -22.67
C PHE A 73 -15.29 5.60 -23.08
N LYS A 74 -16.32 5.23 -23.83
CA LYS A 74 -17.31 6.19 -24.32
C LYS A 74 -17.97 6.95 -23.18
N LYS A 75 -18.36 6.22 -22.14
CA LYS A 75 -18.97 6.82 -20.97
C LYS A 75 -17.97 7.72 -20.24
N GLU A 76 -16.69 7.38 -20.35
CA GLU A 76 -15.64 8.14 -19.71
C GLU A 76 -15.48 9.53 -20.32
N ILE A 77 -15.57 9.59 -21.65
CA ILE A 77 -15.44 10.85 -22.36
C ILE A 77 -16.60 11.80 -22.04
N GLU A 78 -17.73 11.21 -21.67
CA GLU A 78 -18.90 11.98 -21.28
C GLU A 78 -18.78 12.49 -19.85
N MET A 79 -17.96 11.79 -19.06
CA MET A 79 -17.72 12.16 -17.67
C MET A 79 -16.46 13.01 -17.54
N GLY A 80 -15.88 13.38 -18.68
CA GLY A 80 -14.67 14.19 -18.70
C GLY A 80 -13.46 13.44 -18.20
N LYS A 81 -13.57 12.12 -18.11
CA LYS A 81 -12.50 11.28 -17.57
C LYS A 81 -11.33 11.17 -18.55
N LEU A 82 -11.54 11.58 -19.80
CA LEU A 82 -10.49 11.54 -20.81
C LEU A 82 -10.25 12.91 -21.43
N GLU A 83 -10.72 13.95 -20.75
CA GLU A 83 -10.54 15.31 -21.24
C GLU A 83 -9.07 15.68 -21.32
N ARG A 84 -8.35 15.45 -20.24
CA ARG A 84 -6.92 15.78 -20.18
C ARG A 84 -6.11 14.95 -21.17
N ALA A 85 -6.42 13.67 -21.25
CA ALA A 85 -5.69 12.75 -22.12
C ALA A 85 -5.76 13.19 -23.59
N LEU A 86 -6.93 13.63 -24.00
CA LEU A 86 -7.14 14.05 -25.39
C LEU A 86 -6.42 15.36 -25.69
N SER A 87 -6.38 16.26 -24.72
CA SER A 87 -5.80 17.58 -24.90
C SER A 87 -4.27 17.53 -25.08
N LEU A 88 -3.69 16.37 -24.81
CA LEU A 88 -2.25 16.20 -24.97
C LEU A 88 -1.86 16.16 -26.45
N ASN A 89 -0.67 16.69 -26.75
CA ASN A 89 -0.16 16.67 -28.12
C ASN A 89 0.83 15.54 -28.31
N ILE A 90 0.33 14.30 -28.27
CA ILE A 90 1.17 13.11 -28.34
C ILE A 90 0.82 12.23 -29.52
N TYR A 91 -0.11 12.70 -30.36
CA TYR A 91 -0.63 11.88 -31.45
C TYR A 91 -0.01 12.24 -32.79
N SER A 92 0.18 11.23 -33.64
CA SER A 92 0.72 11.43 -34.97
C SER A 92 0.00 10.53 -35.98
N ASP A 93 0.41 10.61 -37.24
CA ASP A 93 -0.21 9.79 -38.28
C ASP A 93 0.73 8.68 -38.75
N ASN A 94 0.18 7.49 -38.91
CA ASN A 94 0.96 6.34 -39.38
C ASN A 94 0.07 5.12 -39.62
N ASN A 102 -6.87 -8.35 -31.72
CA ASN A 102 -8.19 -8.20 -31.13
C ASN A 102 -8.17 -7.24 -29.94
N PRO A 103 -8.73 -6.04 -30.12
CA PRO A 103 -8.71 -4.97 -29.11
C PRO A 103 -9.27 -5.39 -27.75
N TYR A 104 -10.11 -6.43 -27.72
CA TYR A 104 -10.63 -6.93 -26.45
C TYR A 104 -9.54 -7.64 -25.66
N GLU A 105 -8.82 -8.54 -26.32
CA GLU A 105 -7.76 -9.29 -25.64
C GLU A 105 -6.50 -8.44 -25.49
N THR A 106 -6.46 -7.33 -26.22
CA THR A 106 -5.40 -6.35 -26.01
C THR A 106 -5.65 -5.59 -24.72
N LEU A 107 -6.92 -5.34 -24.43
CA LEU A 107 -7.31 -4.64 -23.21
C LEU A 107 -7.13 -5.54 -21.99
N GLN A 108 -7.28 -6.85 -22.18
CA GLN A 108 -7.10 -7.81 -21.09
C GLN A 108 -5.64 -7.94 -20.70
N ASN A 109 -4.77 -8.04 -21.72
CA ASN A 109 -3.33 -8.09 -21.49
C ASN A 109 -2.86 -6.87 -20.69
N ALA A 110 -3.40 -5.71 -21.03
CA ALA A 110 -3.08 -4.48 -20.31
C ALA A 110 -3.41 -4.61 -18.83
N ARG A 111 -4.58 -5.18 -18.53
CA ARG A 111 -5.03 -5.32 -17.15
C ARG A 111 -4.20 -6.35 -16.39
N LYS A 112 -3.80 -7.42 -17.07
CA LYS A 112 -2.97 -8.46 -16.46
C LYS A 112 -1.58 -7.92 -16.16
N HIS A 113 -1.08 -7.07 -17.06
CA HIS A 113 0.25 -6.48 -16.90
C HIS A 113 0.28 -5.53 -15.71
N VAL A 114 -0.66 -4.59 -15.68
CA VAL A 114 -0.75 -3.62 -14.60
C VAL A 114 -0.87 -4.30 -13.25
N ALA A 115 -1.59 -5.42 -13.20
CA ALA A 115 -1.79 -6.15 -11.96
C ALA A 115 -0.49 -6.79 -11.49
N LYS A 116 0.29 -7.32 -12.42
CA LYS A 116 1.56 -7.95 -12.09
C LYS A 116 2.55 -6.91 -11.55
N LEU A 117 2.54 -5.71 -12.14
CA LEU A 117 3.40 -4.64 -11.67
C LEU A 117 3.02 -4.23 -10.24
N LYS A 118 1.72 -4.18 -9.98
CA LYS A 118 1.23 -3.87 -8.64
C LYS A 118 1.67 -4.95 -7.66
N LYS A 119 1.65 -6.19 -8.12
CA LYS A 119 2.06 -7.32 -7.28
C LYS A 119 3.53 -7.21 -6.89
N HIS A 120 4.40 -7.09 -7.89
CA HIS A 120 5.84 -6.97 -7.63
C HIS A 120 6.20 -5.57 -7.14
N ASN A 121 5.32 -4.61 -7.37
CA ASN A 121 5.52 -3.24 -6.92
C ASN A 121 6.80 -2.63 -7.50
N ILE A 122 7.08 -2.93 -8.76
CA ILE A 122 8.24 -2.37 -9.45
C ILE A 122 7.82 -1.54 -10.65
N LEU A 123 8.76 -0.79 -11.21
CA LEU A 123 8.49 -0.05 -12.43
C LEU A 123 8.56 -1.00 -13.63
N SER A 124 7.90 -0.61 -14.72
CA SER A 124 7.75 -1.47 -15.89
C SER A 124 9.08 -2.02 -16.40
N PHE A 125 10.02 -1.12 -16.70
CA PHE A 125 11.28 -1.47 -17.31
C PHE A 125 12.26 -0.34 -17.00
N PRO A 126 13.58 -0.62 -17.05
CA PRO A 126 14.49 0.53 -16.90
C PRO A 126 14.26 1.59 -17.96
N LEU A 127 14.57 2.84 -17.63
CA LEU A 127 14.51 3.92 -18.60
C LEU A 127 15.87 4.08 -19.25
N GLU A 128 16.91 3.55 -18.60
CA GLU A 128 18.27 3.63 -19.11
C GLU A 128 18.95 2.27 -19.10
N LEU A 129 19.37 1.81 -20.28
CA LEU A 129 20.16 0.59 -20.39
C LEU A 129 21.61 0.94 -20.72
N VAL A 130 22.51 0.56 -19.84
CA VAL A 130 23.93 0.81 -20.03
C VAL A 130 24.62 -0.47 -20.49
N ILE A 131 25.28 -0.42 -21.64
CA ILE A 131 25.94 -1.59 -22.21
C ILE A 131 27.46 -1.39 -22.34
N TYR A 132 28.19 -2.47 -22.07
CA TYR A 132 29.64 -2.47 -22.14
C TYR A 132 30.13 -3.54 -23.11
N PRO A 133 30.01 -3.28 -24.42
CA PRO A 133 30.38 -4.30 -25.41
C PRO A 133 31.82 -4.79 -25.25
N SER A 134 32.70 -3.91 -24.79
CA SER A 134 34.08 -4.29 -24.51
C SER A 134 34.61 -3.52 -23.30
N MET A 135 35.41 -4.19 -22.48
CA MET A 135 35.94 -3.60 -21.26
C MET A 135 37.35 -3.03 -21.47
N TYR A 136 37.97 -3.40 -22.58
CA TYR A 136 39.31 -2.92 -22.90
C TYR A 136 39.30 -1.43 -23.22
N CYS A 137 40.27 -0.71 -22.67
CA CYS A 137 40.45 0.71 -22.95
C CYS A 137 41.91 1.00 -23.28
N ASP A 138 42.14 1.83 -24.28
CA ASP A 138 43.49 2.15 -24.71
C ASP A 138 44.22 3.04 -23.70
N LEU A 139 43.46 3.67 -22.81
CA LEU A 139 44.02 4.53 -21.77
C LEU A 139 43.94 3.87 -20.39
N LYS A 140 44.37 4.60 -19.36
CA LYS A 140 44.36 4.07 -18.00
C LYS A 140 44.36 5.21 -16.96
N CYS A 141 43.31 6.03 -17.01
CA CYS A 141 43.20 7.20 -16.14
C CYS A 141 43.17 6.80 -14.66
N GLY A 142 43.67 7.69 -13.81
CA GLY A 142 43.78 7.42 -12.39
C GLY A 142 42.48 7.55 -11.63
N PHE A 143 41.53 8.31 -12.18
CA PHE A 143 40.23 8.49 -11.54
C PHE A 143 39.25 7.42 -12.03
N CYS A 144 39.77 6.44 -12.76
CA CYS A 144 38.94 5.38 -13.33
C CYS A 144 39.16 4.06 -12.58
N PHE A 145 38.06 3.34 -12.32
CA PHE A 145 38.16 2.07 -11.62
C PHE A 145 37.84 0.90 -12.54
N LEU A 146 37.69 1.19 -13.82
CA LEU A 146 37.45 0.16 -14.83
C LEU A 146 38.64 0.01 -15.76
N ALA A 147 39.74 0.69 -15.42
CA ALA A 147 40.96 0.65 -16.22
C ALA A 147 41.62 -0.73 -16.13
N ASN A 148 42.20 -1.16 -17.24
CA ASN A 148 42.92 -2.42 -17.31
C ASN A 148 42.04 -3.63 -16.99
N ARG A 149 41.02 -3.86 -17.84
CA ARG A 149 40.10 -4.98 -17.63
C ARG A 149 40.33 -6.09 -18.65
N GLU A 150 40.90 -5.74 -19.81
CA GLU A 150 41.20 -6.70 -20.85
C GLU A 150 39.95 -7.47 -21.29
N ALA A 154 35.08 -10.76 -26.09
CA ALA A 154 33.99 -9.87 -26.48
C ALA A 154 33.05 -10.55 -27.48
N LYS A 155 31.77 -10.19 -27.41
CA LYS A 155 30.76 -10.77 -28.31
C LYS A 155 30.46 -9.83 -29.46
N PRO A 156 29.95 -10.38 -30.58
CA PRO A 156 29.64 -9.59 -31.78
C PRO A 156 28.38 -8.74 -31.63
N ALA A 157 28.24 -7.72 -32.48
CA ALA A 157 27.09 -6.83 -32.43
C ALA A 157 25.78 -7.57 -32.71
N LYS A 158 25.87 -8.76 -33.30
CA LYS A 158 24.70 -9.56 -33.60
C LYS A 158 23.96 -9.93 -32.31
N ASP A 159 24.71 -10.26 -31.28
CA ASP A 159 24.14 -10.60 -29.98
C ASP A 159 23.56 -9.36 -29.31
N TRP A 160 24.36 -8.29 -29.26
CA TRP A 160 23.93 -7.04 -28.64
C TRP A 160 22.71 -6.46 -29.35
N GLU A 161 22.54 -6.81 -30.62
CA GLU A 161 21.35 -6.40 -31.36
C GLU A 161 20.11 -7.06 -30.76
N ARG A 162 20.23 -8.33 -30.41
CA ARG A 162 19.13 -9.07 -29.79
C ARG A 162 18.74 -8.43 -28.46
N ILE A 163 19.73 -8.17 -27.62
CA ILE A 163 19.50 -7.50 -26.34
C ILE A 163 18.89 -6.12 -26.54
N LEU A 164 19.29 -5.47 -27.63
CA LEU A 164 18.79 -4.14 -27.95
C LEU A 164 17.30 -4.16 -28.29
N ARG A 165 16.85 -5.22 -28.95
CA ARG A 165 15.46 -5.33 -29.35
C ARG A 165 14.55 -5.50 -28.13
N GLN A 166 14.99 -6.30 -27.17
CA GLN A 166 14.23 -6.51 -25.94
C GLN A 166 14.00 -5.20 -25.21
N ALA A 167 15.06 -4.39 -25.11
CA ALA A 167 14.97 -3.10 -24.42
C ALA A 167 14.03 -2.18 -25.17
N LYS A 168 14.17 -2.14 -26.49
CA LYS A 168 13.30 -1.34 -27.34
C LYS A 168 11.83 -1.69 -27.15
N ASP A 169 11.51 -2.96 -27.32
CA ASP A 169 10.13 -3.43 -27.28
C ASP A 169 9.54 -3.40 -25.87
N ASN A 170 10.40 -3.31 -24.86
CA ASN A 170 9.96 -3.29 -23.47
C ASN A 170 9.83 -1.87 -22.92
N GLY A 171 10.23 -0.88 -23.71
CA GLY A 171 10.03 0.51 -23.34
C GLY A 171 11.23 1.24 -22.76
N VAL A 172 12.43 0.83 -23.13
CA VAL A 172 13.63 1.54 -22.70
C VAL A 172 13.65 2.93 -23.31
N LEU A 173 14.03 3.93 -22.51
CA LEU A 173 14.00 5.32 -22.96
C LEU A 173 15.28 5.71 -23.69
N SER A 174 16.40 5.12 -23.29
CA SER A 174 17.69 5.42 -23.90
C SER A 174 18.73 4.36 -23.59
N VAL A 175 19.72 4.24 -24.47
CA VAL A 175 20.82 3.30 -24.28
C VAL A 175 22.15 4.04 -24.25
N SER A 176 22.95 3.76 -23.22
CA SER A 176 24.27 4.36 -23.08
C SER A 176 25.36 3.32 -23.34
N ILE A 177 26.20 3.60 -24.32
CA ILE A 177 27.28 2.67 -24.70
C ILE A 177 28.59 3.11 -24.06
N LEU A 178 29.11 2.27 -23.16
CA LEU A 178 30.33 2.58 -22.42
C LEU A 178 31.36 1.46 -22.53
N GLY A 179 32.27 1.43 -21.56
CA GLY A 179 33.34 0.44 -21.49
C GLY A 179 34.26 0.76 -20.34
N GLY A 180 35.57 0.75 -20.60
CA GLY A 180 36.11 0.43 -21.90
C GLY A 180 35.95 1.56 -22.90
N GLU A 181 36.83 1.58 -23.90
CA GLU A 181 36.67 2.48 -25.03
C GLU A 181 35.83 1.79 -26.10
N PRO A 182 34.56 2.22 -26.23
CA PRO A 182 33.62 1.57 -27.15
C PRO A 182 34.00 1.73 -28.62
N THR A 183 34.82 2.73 -28.95
CA THR A 183 35.30 2.89 -30.32
C THR A 183 36.39 1.86 -30.61
N ARG A 184 36.90 1.23 -29.56
CA ARG A 184 37.91 0.18 -29.70
C ARG A 184 37.24 -1.19 -29.87
N TYR A 185 35.95 -1.26 -29.54
CA TYR A 185 35.16 -2.45 -29.77
C TYR A 185 35.07 -2.71 -31.27
N PHE A 186 35.53 -3.88 -31.70
CA PHE A 186 35.71 -4.17 -33.12
C PHE A 186 34.42 -4.07 -33.92
N ASP A 187 33.32 -4.48 -33.33
CA ASP A 187 32.03 -4.52 -34.02
C ASP A 187 31.20 -3.26 -33.74
N ILE A 188 31.88 -2.20 -33.31
CA ILE A 188 31.21 -0.98 -32.89
C ILE A 188 30.38 -0.34 -34.00
N ASP A 189 30.87 -0.40 -35.23
CA ASP A 189 30.16 0.19 -36.36
C ASP A 189 28.82 -0.51 -36.59
N ASN A 190 28.82 -1.83 -36.50
CA ASN A 190 27.59 -2.61 -36.64
C ASN A 190 26.62 -2.34 -35.50
N LEU A 191 27.14 -2.29 -34.28
CA LEU A 191 26.33 -1.98 -33.11
C LEU A 191 25.68 -0.61 -33.24
N LEU A 192 26.46 0.37 -33.69
CA LEU A 192 25.96 1.73 -33.88
C LEU A 192 24.85 1.78 -34.93
N ILE A 193 25.00 0.99 -35.98
CA ILE A 193 24.01 0.94 -37.04
C ILE A 193 22.71 0.31 -36.53
N ALA A 194 22.84 -0.75 -35.74
CA ALA A 194 21.68 -1.44 -35.17
C ALA A 194 20.87 -0.49 -34.29
N CYS A 195 21.56 0.38 -33.56
CA CYS A 195 20.90 1.37 -32.72
C CYS A 195 20.15 2.38 -33.56
N GLU A 196 20.78 2.82 -34.64
CA GLU A 196 20.18 3.80 -35.54
C GLU A 196 18.96 3.21 -36.27
N GLU A 197 19.03 1.93 -36.57
CA GLU A 197 17.95 1.25 -37.27
C GLU A 197 16.77 0.97 -36.35
N LEU A 198 17.06 0.55 -35.13
CA LEU A 198 16.01 0.27 -34.14
C LEU A 198 15.39 1.56 -33.64
N LYS A 199 15.94 2.70 -34.06
CA LYS A 199 15.44 4.01 -33.67
C LYS A 199 15.44 4.18 -32.16
N ILE A 200 16.57 3.86 -31.54
CA ILE A 200 16.73 4.03 -30.10
C ILE A 200 17.60 5.23 -29.79
N LYS A 201 17.13 6.10 -28.91
CA LYS A 201 17.92 7.23 -28.45
C LYS A 201 19.17 6.70 -27.75
N THR A 202 20.34 7.00 -28.32
CA THR A 202 21.58 6.40 -27.84
C THR A 202 22.72 7.41 -27.73
N THR A 203 23.56 7.20 -26.72
CA THR A 203 24.80 7.96 -26.58
C THR A 203 25.99 7.02 -26.46
N ILE A 204 27.14 7.48 -26.94
CA ILE A 204 28.38 6.72 -26.85
C ILE A 204 29.48 7.61 -26.27
N THR A 205 30.20 7.08 -25.29
CA THR A 205 31.24 7.84 -24.58
C THR A 205 32.63 7.38 -25.03
N THR A 206 33.45 8.34 -25.45
CA THR A 206 34.75 8.01 -26.04
C THR A 206 35.84 8.99 -25.62
N ASN A 207 37.09 8.52 -25.66
CA ASN A 207 38.23 9.38 -25.39
C ASN A 207 38.77 10.00 -26.68
N ALA A 208 38.21 9.57 -27.81
CA ALA A 208 38.49 10.16 -29.12
C ALA A 208 39.95 9.96 -29.55
N GLN A 209 40.64 9.00 -28.96
CA GLN A 209 42.05 8.79 -29.28
C GLN A 209 42.23 8.06 -30.61
N LEU A 210 41.69 6.85 -30.70
CA LEU A 210 41.91 6.02 -31.88
C LEU A 210 40.60 5.62 -32.56
N ILE A 211 39.72 6.59 -32.80
CA ILE A 211 38.44 6.32 -33.42
C ILE A 211 38.55 6.27 -34.94
N LYS A 212 38.06 5.19 -35.54
CA LYS A 212 38.12 5.00 -36.98
C LYS A 212 37.34 6.07 -37.73
N LYS A 213 37.65 6.24 -39.01
CA LYS A 213 36.96 7.22 -39.85
C LYS A 213 35.54 6.75 -40.17
N SER A 214 35.36 5.45 -40.29
CA SER A 214 34.05 4.86 -40.56
C SER A 214 33.11 5.13 -39.39
N THR A 215 33.64 5.02 -38.18
CA THR A 215 32.86 5.25 -36.97
C THR A 215 32.39 6.70 -36.88
N VAL A 216 33.29 7.63 -37.15
CA VAL A 216 32.98 9.05 -37.07
C VAL A 216 31.90 9.45 -38.07
N GLU A 217 31.93 8.83 -39.24
CA GLU A 217 30.96 9.11 -40.29
C GLU A 217 29.55 8.68 -39.86
N ILE A 218 29.45 7.48 -39.29
CA ILE A 218 28.18 6.95 -38.80
C ILE A 218 27.56 7.88 -37.77
N LEU A 219 28.40 8.50 -36.94
CA LEU A 219 27.93 9.40 -35.90
C LEU A 219 27.48 10.74 -36.46
N ALA A 220 28.23 11.25 -37.44
CA ALA A 220 27.93 12.56 -38.04
C ALA A 220 26.62 12.52 -38.83
N LYS A 221 26.29 11.35 -39.36
CA LYS A 221 25.07 11.18 -40.15
C LYS A 221 23.95 10.59 -39.31
N SER A 222 24.27 10.22 -38.08
CA SER A 222 23.30 9.59 -37.18
C SER A 222 22.28 10.60 -36.66
N LYS A 223 21.05 10.15 -36.49
CA LYS A 223 19.97 11.01 -36.01
C LYS A 223 19.62 10.71 -34.55
N TYR A 224 19.99 9.51 -34.09
CA TYR A 224 19.62 9.07 -32.75
C TYR A 224 20.82 8.97 -31.81
N ILE A 225 22.00 8.72 -32.37
CA ILE A 225 23.21 8.55 -31.56
C ILE A 225 23.91 9.88 -31.32
N THR A 226 24.27 10.13 -30.07
CA THR A 226 24.97 11.36 -29.68
C THR A 226 26.31 11.02 -29.01
N PRO A 227 27.43 11.50 -29.57
CA PRO A 227 28.73 11.20 -28.96
C PRO A 227 29.00 12.04 -27.71
N VAL A 228 29.67 11.43 -26.73
CA VAL A 228 30.10 12.13 -25.52
C VAL A 228 31.61 12.00 -25.39
N LEU A 229 32.29 13.12 -25.19
CA LEU A 229 33.75 13.14 -25.15
C LEU A 229 34.30 13.27 -23.73
N SER A 230 35.14 12.31 -23.35
CA SER A 230 35.82 12.35 -22.06
C SER A 230 37.00 13.32 -22.11
N LEU A 231 36.82 14.48 -21.48
CA LEU A 231 37.85 15.52 -21.47
C LEU A 231 37.87 16.24 -20.13
N GLN A 232 38.99 16.15 -19.41
CA GLN A 232 39.09 16.69 -18.06
C GLN A 232 39.47 18.17 -18.06
N THR A 233 40.28 18.57 -19.02
CA THR A 233 40.71 19.98 -19.10
C THR A 233 41.48 20.26 -20.39
N LEU A 234 41.50 21.53 -20.79
CA LEU A 234 42.24 21.95 -21.97
C LEU A 234 43.73 22.06 -21.65
N ASP A 235 44.05 22.23 -20.37
CA ASP A 235 45.44 22.31 -19.95
C ASP A 235 46.16 21.01 -20.27
N SER A 236 47.18 21.10 -21.11
CA SER A 236 47.89 19.92 -21.61
C SER A 236 48.52 19.10 -20.49
N LYS A 237 49.21 19.77 -19.57
CA LYS A 237 49.90 19.09 -18.48
C LYS A 237 48.93 18.34 -17.58
N LEU A 238 47.94 19.06 -17.07
CA LEU A 238 47.00 18.47 -16.11
C LEU A 238 46.23 17.31 -16.71
N ASN A 239 45.74 17.47 -17.93
CA ASN A 239 44.98 16.41 -18.58
C ASN A 239 45.83 15.16 -18.78
N PHE A 240 47.11 15.36 -19.06
CA PHE A 240 48.03 14.25 -19.25
C PHE A 240 48.23 13.50 -17.93
N GLU A 241 48.19 14.23 -16.83
CA GLU A 241 48.33 13.61 -15.51
C GLU A 241 47.07 12.80 -15.18
N LEU A 242 45.92 13.28 -15.64
CA LEU A 242 44.64 12.66 -15.32
C LEU A 242 44.27 11.55 -16.30
N MET A 243 44.59 11.74 -17.58
CA MET A 243 44.17 10.78 -18.62
C MET A 243 45.35 10.09 -19.31
N GLY A 244 46.56 10.64 -19.17
CA GLY A 244 47.72 10.06 -19.81
C GLY A 244 47.84 10.49 -21.26
N VAL A 245 47.10 11.52 -21.63
CA VAL A 245 47.14 12.05 -22.99
C VAL A 245 46.88 13.55 -23.03
N ARG A 246 47.37 14.21 -24.08
CA ARG A 246 47.05 15.61 -24.32
C ARG A 246 45.60 15.69 -24.80
N PRO A 247 44.94 16.85 -24.59
CA PRO A 247 43.53 16.99 -24.94
C PRO A 247 43.29 17.28 -26.43
N ASP A 248 44.33 17.15 -27.24
CA ASP A 248 44.27 17.56 -28.64
C ASP A 248 43.19 16.85 -29.45
N ARG A 249 43.15 15.52 -29.37
CA ARG A 249 42.26 14.75 -30.23
C ARG A 249 40.78 14.90 -29.83
N GLN A 250 40.51 15.08 -28.55
CA GLN A 250 39.15 15.34 -28.10
C GLN A 250 38.69 16.71 -28.62
N ILE A 251 39.59 17.68 -28.55
CA ILE A 251 39.30 19.03 -29.01
C ILE A 251 39.05 19.05 -30.51
N LYS A 252 39.82 18.27 -31.26
CA LYS A 252 39.67 18.20 -32.71
C LYS A 252 38.30 17.63 -33.08
N LEU A 253 37.96 16.49 -32.48
CA LEU A 253 36.70 15.82 -32.77
C LEU A 253 35.50 16.67 -32.38
N ALA A 254 35.66 17.47 -31.33
CA ALA A 254 34.61 18.37 -30.90
C ALA A 254 34.39 19.48 -31.93
N LYS A 255 35.47 19.95 -32.52
CA LYS A 255 35.41 21.01 -33.52
C LYS A 255 34.84 20.49 -34.84
N TYR A 256 35.10 19.22 -35.14
CA TYR A 256 34.63 18.60 -36.36
C TYR A 256 33.11 18.51 -36.40
N PHE A 257 32.52 18.01 -35.32
CA PHE A 257 31.08 17.80 -35.26
C PHE A 257 30.30 19.12 -35.39
N ASN A 258 30.85 20.18 -34.81
CA ASN A 258 30.22 21.50 -34.92
C ASN A 258 30.18 21.94 -36.38
N GLU A 259 31.18 21.52 -37.15
CA GLU A 259 31.22 21.79 -38.58
C GLU A 259 30.10 21.05 -39.31
N VAL A 260 30.02 19.74 -39.09
CA VAL A 260 29.04 18.90 -39.78
C VAL A 260 27.64 19.06 -39.19
N GLY A 261 27.53 19.84 -38.12
CA GLY A 261 26.24 20.12 -37.50
C GLY A 261 25.74 19.00 -36.60
N LYS A 262 26.63 18.08 -36.24
CA LYS A 262 26.29 16.98 -35.35
C LYS A 262 26.39 17.43 -33.90
N LYS A 263 25.37 17.10 -33.10
CA LYS A 263 25.36 17.45 -31.70
C LYS A 263 26.43 16.67 -30.93
N CYS A 264 27.11 17.35 -30.02
CA CYS A 264 28.22 16.74 -29.27
C CYS A 264 28.15 17.14 -27.80
N ARG A 265 28.79 16.33 -26.94
CA ARG A 265 28.79 16.58 -25.51
C ARG A 265 30.16 16.31 -24.89
N ILE A 266 30.47 17.05 -23.82
CA ILE A 266 31.72 16.88 -23.10
C ILE A 266 31.44 16.40 -21.67
N ASN A 267 32.20 15.41 -21.23
CA ASN A 267 32.05 14.84 -19.89
C ASN A 267 33.36 14.90 -19.11
N ALA A 268 33.30 15.48 -17.91
CA ALA A 268 34.48 15.65 -17.08
C ALA A 268 34.23 15.20 -15.64
N VAL A 269 35.26 14.62 -15.02
CA VAL A 269 35.20 14.20 -13.63
C VAL A 269 35.92 15.21 -12.75
N TYR A 270 35.20 15.79 -11.81
CA TYR A 270 35.74 16.83 -10.93
C TYR A 270 36.76 16.24 -9.95
N THR A 271 38.03 16.31 -10.33
CA THR A 271 39.11 15.69 -9.55
C THR A 271 40.05 16.72 -8.93
N LYS A 272 40.81 17.40 -9.78
CA LYS A 272 41.83 18.36 -9.33
C LYS A 272 41.72 19.71 -10.03
N GLN A 273 40.75 19.85 -10.92
CA GLN A 273 40.58 21.10 -11.66
C GLN A 273 40.25 22.26 -10.74
N SER A 274 40.80 23.43 -11.06
CA SER A 274 40.44 24.67 -10.38
C SER A 274 39.30 25.33 -11.14
N TYR A 275 38.63 26.28 -10.50
CA TYR A 275 37.49 26.95 -11.12
C TYR A 275 37.87 27.64 -12.43
N GLU A 276 39.13 28.03 -12.54
CA GLU A 276 39.62 28.73 -13.72
C GLU A 276 39.69 27.78 -14.91
N GLN A 277 40.08 26.54 -14.65
CA GLN A 277 40.19 25.53 -15.69
C GLN A 277 38.83 25.00 -16.10
N ILE A 278 37.85 25.10 -15.20
CA ILE A 278 36.48 24.70 -15.51
C ILE A 278 35.85 25.71 -16.48
N ILE A 279 35.82 26.98 -16.07
CA ILE A 279 35.28 28.04 -16.90
C ILE A 279 36.00 28.06 -18.25
N GLU A 280 37.28 27.75 -18.22
CA GLU A 280 38.08 27.62 -19.43
C GLU A 280 37.44 26.65 -20.41
N LEU A 281 36.85 25.59 -19.88
CA LEU A 281 36.23 24.55 -20.68
C LEU A 281 34.77 24.89 -21.01
N VAL A 282 34.17 25.72 -20.16
CA VAL A 282 32.81 26.20 -20.42
C VAL A 282 32.80 27.04 -21.70
N ASP A 283 33.76 27.93 -21.82
CA ASP A 283 33.87 28.80 -22.98
C ASP A 283 34.09 28.00 -24.26
N PHE A 284 34.87 26.93 -24.15
CA PHE A 284 35.13 26.05 -25.29
C PHE A 284 33.85 25.44 -25.80
N CYS A 285 32.98 25.03 -24.88
CA CYS A 285 31.68 24.47 -25.24
C CYS A 285 30.80 25.55 -25.85
N ILE A 286 30.92 26.77 -25.33
CA ILE A 286 30.16 27.90 -25.83
C ILE A 286 30.62 28.27 -27.24
N GLU A 287 31.93 28.23 -27.45
CA GLU A 287 32.52 28.59 -28.74
C GLU A 287 32.16 27.58 -29.81
N ASN A 288 32.23 26.30 -29.46
CA ASN A 288 31.97 25.22 -30.41
C ASN A 288 30.56 24.66 -30.32
N LYS A 289 29.68 25.39 -29.63
CA LYS A 289 28.26 25.05 -29.57
C LYS A 289 28.01 23.64 -29.07
N ILE A 290 28.69 23.25 -27.99
CA ILE A 290 28.49 21.93 -27.40
C ILE A 290 27.08 21.82 -26.84
N ASP A 291 26.40 20.72 -27.17
CA ASP A 291 25.01 20.51 -26.79
C ASP A 291 24.83 20.55 -25.28
N ARG A 292 25.69 19.84 -24.55
CA ARG A 292 25.56 19.76 -23.10
C ARG A 292 26.90 19.43 -22.45
N PHE A 293 27.19 20.11 -21.34
CA PHE A 293 28.45 19.93 -20.62
C PHE A 293 28.18 19.48 -19.18
N SER A 294 28.75 18.35 -18.81
CA SER A 294 28.51 17.75 -17.50
C SER A 294 29.79 17.59 -16.69
N VAL A 295 29.68 17.87 -15.39
CA VAL A 295 30.78 17.67 -14.44
C VAL A 295 30.36 16.63 -13.39
N ALA A 296 30.95 15.44 -13.48
CA ALA A 296 30.61 14.35 -12.57
C ALA A 296 31.43 14.40 -11.29
N ASN A 297 30.78 14.10 -10.17
CA ASN A 297 31.48 13.98 -8.90
C ASN A 297 32.42 12.79 -8.91
N TYR A 298 33.51 12.88 -8.15
CA TYR A 298 34.53 11.84 -8.16
C TYR A 298 34.45 10.96 -6.91
N SER A 299 34.37 9.65 -7.14
CA SER A 299 34.30 8.67 -6.05
C SER A 299 35.48 7.71 -6.12
N GLU A 300 36.29 7.71 -5.08
CA GLU A 300 37.40 6.77 -4.96
C GLU A 300 36.87 5.34 -4.83
N VAL A 301 37.67 4.39 -5.30
CA VAL A 301 37.35 2.98 -5.15
C VAL A 301 38.62 2.27 -4.67
N THR A 302 38.61 1.83 -3.42
CA THR A 302 39.80 1.27 -2.78
C THR A 302 40.41 0.14 -3.62
N GLY A 303 41.63 0.38 -4.10
CA GLY A 303 42.37 -0.62 -4.85
C GLY A 303 42.15 -0.56 -6.35
N TYR A 304 41.46 0.48 -6.81
CA TYR A 304 41.18 0.65 -8.25
C TYR A 304 41.47 2.07 -8.73
N THR A 305 41.39 3.04 -7.82
CA THR A 305 41.62 4.44 -8.16
C THR A 305 42.84 5.00 -7.42
N LYS A 306 43.77 5.56 -8.18
CA LYS A 306 45.02 6.05 -7.62
C LYS A 306 44.93 7.49 -7.15
N ILE A 307 44.16 8.31 -7.87
CA ILE A 307 44.04 9.72 -7.55
C ILE A 307 43.25 9.95 -6.26
N LYS A 308 43.72 10.89 -5.45
CA LYS A 308 43.06 11.22 -4.19
C LYS A 308 41.96 12.25 -4.41
N LYS A 309 40.86 12.09 -3.69
CA LYS A 309 39.70 12.96 -3.83
C LYS A 309 39.92 14.28 -3.10
N LYS A 310 39.77 15.38 -3.82
CA LYS A 310 40.00 16.71 -3.23
C LYS A 310 38.69 17.37 -2.79
N TYR A 311 37.65 17.25 -3.60
CA TYR A 311 36.39 17.94 -3.37
C TYR A 311 35.25 16.98 -3.05
N ASP A 312 34.33 17.42 -2.18
CA ASP A 312 33.15 16.65 -1.84
C ASP A 312 31.92 17.21 -2.53
N LEU A 313 30.75 16.67 -2.21
CA LEU A 313 29.51 17.06 -2.86
C LEU A 313 29.14 18.51 -2.55
N ALA A 314 29.58 19.01 -1.40
CA ALA A 314 29.35 20.40 -1.05
C ALA A 314 30.11 21.31 -2.01
N ASP A 315 31.36 20.94 -2.29
CA ASP A 315 32.20 21.71 -3.21
C ASP A 315 31.66 21.64 -4.63
N LEU A 316 31.07 20.50 -4.99
CA LEU A 316 30.50 20.30 -6.32
C LEU A 316 29.30 21.21 -6.51
N ARG A 317 28.54 21.43 -5.44
CA ARG A 317 27.39 22.32 -5.49
C ARG A 317 27.83 23.74 -5.79
N ARG A 318 28.83 24.22 -5.06
CA ARG A 318 29.38 25.55 -5.25
C ARG A 318 29.85 25.75 -6.69
N LEU A 319 30.43 24.70 -7.26
CA LEU A 319 30.92 24.75 -8.63
C LEU A 319 29.77 24.94 -9.62
N ASN A 320 28.72 24.14 -9.44
CA ASN A 320 27.55 24.22 -10.31
C ASN A 320 26.93 25.61 -10.24
N GLU A 321 26.81 26.14 -9.04
CA GLU A 321 26.27 27.48 -8.84
C GLU A 321 27.18 28.53 -9.45
N TYR A 322 28.47 28.21 -9.55
CA TYR A 322 29.46 29.11 -10.14
C TYR A 322 29.35 29.13 -11.66
N VAL A 323 29.31 27.95 -12.26
CA VAL A 323 29.26 27.82 -13.72
C VAL A 323 27.96 28.38 -14.29
N THR A 324 26.83 28.02 -13.67
CA THR A 324 25.52 28.43 -14.15
C THR A 324 25.40 29.95 -14.20
N ASP A 325 26.02 30.63 -13.24
CA ASP A 325 26.04 32.09 -13.22
C ASP A 325 26.85 32.63 -14.39
N TYR A 326 28.03 32.06 -14.59
CA TYR A 326 28.93 32.49 -15.65
C TYR A 326 28.28 32.31 -17.02
N ILE A 327 27.49 31.25 -17.17
CA ILE A 327 26.87 30.94 -18.45
C ILE A 327 25.69 31.88 -18.73
N THR A 328 24.87 32.13 -17.71
CA THR A 328 23.73 33.02 -17.85
C THR A 328 24.17 34.48 -17.91
N GLN A 329 25.22 34.81 -17.15
CA GLN A 329 25.77 36.16 -17.15
C GLN A 329 26.40 36.50 -18.50
N ARG A 330 26.64 35.47 -19.30
CA ARG A 330 27.18 35.65 -20.66
C ARG A 330 26.09 35.38 -21.71
N GLU A 331 24.89 35.05 -21.24
CA GLU A 331 23.77 34.78 -22.14
C GLU A 331 24.11 33.66 -23.11
N ALA A 332 24.66 32.57 -22.59
CA ALA A 332 25.07 31.44 -23.42
C ALA A 332 24.07 30.29 -23.30
N ASN A 333 23.68 29.75 -24.45
CA ASN A 333 22.76 28.60 -24.49
C ASN A 333 23.49 27.28 -24.30
N LEU A 334 24.24 27.19 -23.20
CA LEU A 334 24.95 25.96 -22.87
C LEU A 334 24.20 25.19 -21.77
N ASN A 335 23.70 24.01 -22.13
CA ASN A 335 23.03 23.15 -21.16
C ASN A 335 24.05 22.52 -20.22
N PHE A 336 24.15 23.07 -19.01
CA PHE A 336 25.14 22.62 -18.04
C PHE A 336 24.47 21.89 -16.88
N ALA A 337 25.21 20.98 -16.26
CA ALA A 337 24.69 20.19 -15.14
C ALA A 337 25.81 19.46 -14.41
N THR A 338 25.58 19.17 -13.14
CA THR A 338 26.45 18.31 -12.36
C THR A 338 25.78 16.96 -12.20
N GLU A 339 26.57 15.90 -12.05
CA GLU A 339 26.05 14.55 -11.99
C GLU A 339 26.73 13.71 -10.93
N GLY A 340 25.99 12.72 -10.43
CA GLY A 340 26.47 11.83 -9.40
C GLY A 340 25.32 11.44 -8.49
N CYS A 341 25.60 10.52 -7.56
CA CYS A 341 24.59 10.03 -6.63
C CYS A 341 24.63 10.82 -5.32
N HIS A 342 23.47 10.92 -4.68
CA HIS A 342 23.35 11.59 -3.39
C HIS A 342 23.82 13.04 -3.42
N LEU A 343 23.74 13.66 -4.59
CA LEU A 343 24.08 15.08 -4.73
C LEU A 343 23.13 15.95 -3.91
N PHE A 344 21.96 15.42 -3.58
CA PHE A 344 20.96 16.16 -2.82
C PHE A 344 21.35 16.30 -1.35
N THR A 345 22.36 15.55 -0.91
CA THR A 345 22.82 15.64 0.47
C THR A 345 23.52 16.97 0.74
N ALA A 346 23.86 17.69 -0.33
CA ALA A 346 24.56 18.96 -0.22
C ALA A 346 23.60 20.14 -0.18
N TYR A 347 22.32 19.85 0.01
CA TYR A 347 21.28 20.88 0.08
C TYR A 347 20.41 20.72 1.32
N PRO A 348 20.97 21.01 2.51
CA PRO A 348 20.18 20.93 3.75
C PRO A 348 18.98 21.87 3.73
N GLU A 349 18.95 22.79 2.77
CA GLU A 349 17.82 23.70 2.62
C GLU A 349 16.53 22.92 2.37
N LEU A 350 16.63 21.88 1.55
CA LEU A 350 15.51 20.98 1.31
C LEU A 350 15.40 19.97 2.43
N ILE A 351 14.61 18.92 2.21
CA ILE A 351 14.40 17.89 3.21
C ILE A 351 13.75 18.49 4.46
N ASN A 352 12.66 19.23 4.26
CA ASN A 352 11.93 19.85 5.35
C ASN A 352 10.97 18.87 6.02
N ASN A 353 11.06 17.61 5.61
CA ASN A 353 10.20 16.55 6.13
C ASN A 353 8.73 16.75 5.74
N SER A 354 8.50 17.62 4.75
CA SER A 354 7.15 17.84 4.24
C SER A 354 7.06 17.44 2.78
N ILE A 355 8.17 16.92 2.25
CA ILE A 355 8.23 16.51 0.85
C ILE A 355 7.43 15.24 0.61
N GLU A 356 6.29 15.39 -0.05
CA GLU A 356 5.46 14.25 -0.43
C GLU A 356 5.75 13.87 -1.87
N PHE A 357 6.27 12.66 -2.07
CA PHE A 357 6.64 12.19 -3.40
C PHE A 357 5.51 11.41 -4.06
N SER A 358 5.27 11.70 -5.34
CA SER A 358 4.30 10.93 -6.13
C SER A 358 4.78 9.49 -6.24
N GLU A 359 3.88 8.60 -6.65
CA GLU A 359 4.21 7.18 -6.72
C GLU A 359 5.38 6.92 -7.69
N PHE A 360 5.47 7.74 -8.74
CA PHE A 360 6.54 7.58 -9.72
C PHE A 360 7.83 8.27 -9.28
N ASP A 361 7.71 9.49 -8.79
CA ASP A 361 8.87 10.24 -8.30
C ASP A 361 9.58 9.48 -7.19
N GLU A 362 8.81 8.72 -6.41
CA GLU A 362 9.35 7.98 -5.28
C GLU A 362 10.30 6.87 -5.75
N MET A 363 10.26 6.57 -7.04
CA MET A 363 11.09 5.51 -7.63
C MET A 363 11.99 6.05 -8.73
N TYR A 364 11.69 7.25 -9.21
CA TYR A 364 12.47 7.87 -10.28
C TYR A 364 13.69 8.60 -9.74
N TYR A 365 13.49 9.40 -8.69
CA TYR A 365 14.58 10.12 -8.05
C TYR A 365 15.36 9.19 -7.13
N GLY A 366 16.57 9.62 -6.76
CA GLY A 366 17.41 8.85 -5.87
C GLY A 366 18.20 7.78 -6.60
N CYS A 367 18.48 6.69 -5.91
CA CYS A 367 19.25 5.58 -6.46
C CYS A 367 18.56 4.98 -7.68
N ARG A 368 19.22 5.09 -8.83
CA ARG A 368 18.64 4.62 -10.09
C ARG A 368 18.72 3.11 -10.24
N ALA A 369 19.63 2.49 -9.50
CA ALA A 369 19.84 1.04 -9.59
C ALA A 369 18.59 0.27 -9.19
N LYS A 370 17.70 0.91 -8.45
CA LYS A 370 16.50 0.26 -7.96
C LYS A 370 15.48 -0.02 -9.06
N TYR A 371 15.07 1.04 -9.76
CA TYR A 371 13.90 0.95 -10.65
C TYR A 371 14.09 1.54 -12.05
N THR A 372 15.08 2.40 -12.25
CA THR A 372 15.17 3.19 -13.48
C THR A 372 16.31 2.82 -14.43
N LYS A 373 17.22 1.94 -14.01
CA LYS A 373 18.34 1.58 -14.88
C LYS A 373 18.81 0.14 -14.75
N MET A 374 19.53 -0.30 -15.79
CA MET A 374 20.13 -1.63 -15.85
C MET A 374 21.49 -1.50 -16.52
N GLU A 375 22.45 -2.34 -16.10
CA GLU A 375 23.77 -2.34 -16.70
C GLU A 375 24.20 -3.76 -17.07
N ILE A 376 24.62 -3.92 -18.32
CA ILE A 376 25.01 -5.23 -18.85
C ILE A 376 26.50 -5.24 -19.19
N MET A 377 27.21 -6.20 -18.61
CA MET A 377 28.66 -6.30 -18.80
C MET A 377 28.98 -6.95 -20.14
N SER A 378 30.27 -7.01 -20.48
CA SER A 378 30.71 -7.53 -21.76
C SER A 378 30.47 -9.03 -21.89
N ASN A 379 30.47 -9.72 -20.74
CA ASN A 379 30.22 -11.17 -20.73
C ASN A 379 28.73 -11.50 -20.68
N GLY A 380 27.90 -10.47 -20.52
CA GLY A 380 26.47 -10.63 -20.50
C GLY A 380 25.86 -10.50 -19.10
N ASP A 381 26.71 -10.42 -18.10
CA ASP A 381 26.25 -10.31 -16.72
C ASP A 381 25.42 -9.05 -16.52
N ILE A 382 24.23 -9.21 -15.94
CA ILE A 382 23.31 -8.10 -15.71
C ILE A 382 23.48 -7.57 -14.29
N LEU A 383 23.59 -6.25 -14.17
CA LEU A 383 23.82 -5.58 -12.89
C LEU A 383 22.86 -4.42 -12.72
N PRO A 384 22.34 -4.22 -11.49
CA PRO A 384 21.57 -3.00 -11.25
C PRO A 384 22.43 -1.74 -11.38
N CYS A 385 23.71 -1.88 -11.05
CA CYS A 385 24.64 -0.76 -11.11
C CYS A 385 26.05 -1.28 -11.35
N ILE A 386 26.92 -0.43 -11.89
CA ILE A 386 28.31 -0.82 -12.14
C ILE A 386 29.02 -1.13 -10.81
N ALA A 387 28.55 -0.51 -9.74
CA ALA A 387 29.12 -0.74 -8.41
C ALA A 387 28.98 -2.19 -7.97
N PHE A 388 28.01 -2.91 -8.54
CA PHE A 388 27.78 -4.31 -8.20
C PHE A 388 28.88 -5.22 -8.76
N LEU A 389 29.75 -4.66 -9.59
CA LEU A 389 30.83 -5.42 -10.19
C LEU A 389 31.72 -6.04 -9.12
N GLY A 390 31.98 -5.27 -8.06
CA GLY A 390 32.83 -5.73 -6.97
C GLY A 390 32.09 -6.52 -5.90
N VAL A 391 30.85 -6.89 -6.20
CA VAL A 391 30.03 -7.67 -5.28
C VAL A 391 30.06 -9.14 -5.67
N ASN A 392 30.45 -10.00 -4.73
CA ASN A 392 30.58 -11.42 -5.00
C ASN A 392 29.26 -12.17 -4.84
N GLN A 393 28.38 -11.99 -5.81
CA GLN A 393 27.12 -12.73 -5.86
C GLN A 393 26.85 -13.09 -7.32
N THR A 394 26.23 -14.25 -7.53
CA THR A 394 25.94 -14.73 -8.88
C THR A 394 25.04 -13.75 -9.63
N LYS A 395 25.32 -13.57 -10.91
CA LYS A 395 24.54 -12.69 -11.77
C LYS A 395 23.98 -13.45 -12.96
N GLN A 396 22.86 -12.97 -13.50
CA GLN A 396 22.21 -13.62 -14.63
C GLN A 396 22.77 -13.07 -15.95
N ASN A 397 22.75 -13.90 -16.98
CA ASN A 397 23.36 -13.57 -18.26
C ASN A 397 22.33 -13.13 -19.30
N ALA A 398 22.59 -11.98 -19.93
CA ALA A 398 21.66 -11.39 -20.88
C ALA A 398 21.67 -12.13 -22.23
N PHE A 399 22.76 -12.83 -22.51
CA PHE A 399 22.89 -13.56 -23.77
C PHE A 399 22.22 -14.92 -23.69
N GLU A 400 21.53 -15.17 -22.58
CA GLU A 400 20.88 -16.46 -22.36
C GLU A 400 19.47 -16.31 -21.80
N LYS A 401 19.29 -15.32 -20.93
CA LYS A 401 17.97 -15.04 -20.34
C LYS A 401 17.43 -13.71 -20.84
N ASP A 402 16.10 -13.56 -20.76
CA ASP A 402 15.43 -12.36 -21.21
C ASP A 402 15.54 -11.24 -20.17
N LEU A 403 15.74 -10.02 -20.64
CA LEU A 403 15.91 -8.87 -19.76
C LEU A 403 14.69 -8.61 -18.89
N LEU A 404 13.50 -8.93 -19.40
CA LEU A 404 12.28 -8.70 -18.64
C LEU A 404 12.16 -9.70 -17.50
N ASP A 405 12.48 -10.96 -17.77
CA ASP A 405 12.43 -12.01 -16.76
C ASP A 405 13.38 -11.66 -15.59
N VAL A 406 14.61 -11.30 -15.93
CA VAL A 406 15.60 -10.91 -14.94
C VAL A 406 15.13 -9.71 -14.15
N TRP A 407 14.57 -8.72 -14.85
CA TRP A 407 14.08 -7.49 -14.24
C TRP A 407 13.04 -7.78 -13.16
N TYR A 408 12.38 -8.93 -13.25
CA TYR A 408 11.35 -9.31 -12.28
C TYR A 408 11.91 -10.09 -11.09
N ASP A 409 12.67 -11.15 -11.36
CA ASP A 409 13.02 -12.11 -10.33
C ASP A 409 14.49 -12.14 -9.90
N ASP A 410 15.24 -11.07 -10.17
CA ASP A 410 16.66 -11.08 -9.87
C ASP A 410 16.95 -10.74 -8.41
N PRO A 411 17.79 -11.56 -7.75
CA PRO A 411 18.19 -11.40 -6.35
C PRO A 411 18.86 -10.07 -6.05
N LEU A 412 19.73 -9.61 -6.96
CA LEU A 412 20.46 -8.36 -6.76
C LEU A 412 19.50 -7.18 -6.72
N TYR A 413 18.54 -7.16 -7.64
CA TYR A 413 17.53 -6.09 -7.68
C TYR A 413 16.65 -6.13 -6.43
N GLY A 414 16.22 -7.33 -6.06
CA GLY A 414 15.37 -7.50 -4.90
C GLY A 414 16.06 -7.05 -3.63
N GLY A 415 17.36 -7.34 -3.57
CA GLY A 415 18.17 -6.95 -2.43
C GLY A 415 18.21 -5.45 -2.22
N ILE A 416 18.46 -4.71 -3.30
CA ILE A 416 18.58 -3.26 -3.21
C ILE A 416 17.20 -2.59 -3.19
N ARG A 417 16.24 -3.20 -3.86
CA ARG A 417 14.87 -2.69 -3.88
C ARG A 417 14.22 -2.75 -2.50
N SER A 418 14.42 -3.87 -1.80
CA SER A 418 13.72 -4.14 -0.55
C SER A 418 14.45 -3.61 0.68
N PHE A 419 15.71 -3.20 0.51
CA PHE A 419 16.52 -2.73 1.63
C PHE A 419 15.88 -1.52 2.31
N ARG A 420 15.89 -1.52 3.65
CA ARG A 420 15.39 -0.41 4.44
C ARG A 420 16.30 -0.13 5.63
N THR A 421 16.65 1.14 5.83
CA THR A 421 17.55 1.53 6.90
C THR A 421 16.81 1.73 8.21
N LYS A 422 17.52 1.51 9.33
CA LYS A 422 16.97 1.76 10.66
C LYS A 422 17.78 2.83 11.38
N ASN A 423 18.37 3.75 10.61
CA ASN A 423 19.17 4.83 11.17
C ASN A 423 18.27 5.97 11.65
N SER A 424 18.55 6.48 12.85
CA SER A 424 17.73 7.50 13.48
C SER A 424 17.60 8.76 12.62
N LYS A 425 18.73 9.30 12.18
CA LYS A 425 18.74 10.51 11.37
C LYS A 425 18.02 10.31 10.04
N CYS A 426 18.22 9.13 9.45
CA CYS A 426 17.62 8.82 8.15
C CYS A 426 16.11 8.69 8.26
N LEU A 427 15.65 8.05 9.34
CA LEU A 427 14.22 7.85 9.54
C LEU A 427 13.51 9.16 9.83
N SER A 428 14.27 10.16 10.27
CA SER A 428 13.73 11.49 10.50
C SER A 428 13.88 12.37 9.26
N CYS A 429 14.57 11.85 8.25
CA CYS A 429 14.90 12.62 7.06
C CYS A 429 13.79 12.53 6.02
N GLY A 430 13.55 13.64 5.33
CA GLY A 430 12.50 13.71 4.33
C GLY A 430 12.76 12.86 3.10
N LEU A 431 14.04 12.65 2.78
CA LEU A 431 14.43 11.96 1.56
C LEU A 431 14.65 10.46 1.76
N LEU A 432 14.26 9.95 2.92
CA LEU A 432 14.46 8.55 3.28
C LEU A 432 14.08 7.57 2.17
N LYS A 433 12.91 7.79 1.59
CA LYS A 433 12.35 6.86 0.60
C LYS A 433 13.27 6.69 -0.62
N ILE A 434 13.96 7.76 -1.01
CA ILE A 434 14.79 7.72 -2.21
C ILE A 434 16.27 7.46 -1.91
N CYS A 435 16.64 7.45 -0.63
CA CYS A 435 18.04 7.30 -0.23
C CYS A 435 18.27 6.07 0.64
N GLU A 436 17.50 5.96 1.72
CA GLU A 436 17.61 4.82 2.63
C GLU A 436 19.01 4.68 3.24
N GLY A 437 19.58 5.80 3.66
CA GLY A 437 20.84 5.79 4.38
C GLY A 437 22.08 5.72 3.52
N GLY A 438 21.94 6.08 2.24
CA GLY A 438 23.07 6.15 1.33
C GLY A 438 23.13 4.98 0.36
N CYS A 439 24.23 4.91 -0.39
CA CYS A 439 24.41 3.90 -1.42
C CYS A 439 24.42 2.49 -0.85
N TYR A 440 23.49 1.67 -1.32
CA TYR A 440 23.32 0.29 -0.88
C TYR A 440 24.60 -0.54 -0.93
N VAL A 441 25.38 -0.37 -1.98
CA VAL A 441 26.58 -1.18 -2.19
C VAL A 441 27.63 -0.91 -1.12
N ASN A 442 27.70 0.33 -0.66
CA ASN A 442 28.63 0.70 0.41
C ASN A 442 28.16 0.15 1.76
N LEU A 443 26.85 0.16 1.97
CA LEU A 443 26.29 -0.22 3.27
C LEU A 443 26.45 -1.72 3.56
N ILE A 444 26.22 -2.57 2.56
CA ILE A 444 26.27 -4.01 2.78
C ILE A 444 27.68 -4.48 3.13
N LYS A 445 28.68 -3.65 2.84
CA LYS A 445 30.06 -3.97 3.18
C LYS A 445 30.32 -3.82 4.67
N GLU A 446 29.44 -3.08 5.36
CA GLU A 446 29.63 -2.78 6.77
C GLU A 446 29.15 -3.91 7.67
N LYS A 447 29.46 -3.82 8.96
CA LYS A 447 29.07 -4.84 9.93
C LYS A 447 27.56 -4.86 10.12
N SER A 448 26.96 -3.68 10.20
CA SER A 448 25.52 -3.54 10.38
C SER A 448 24.94 -2.56 9.36
N PRO A 449 24.66 -3.03 8.13
CA PRO A 449 24.18 -2.16 7.06
C PRO A 449 22.92 -1.37 7.40
N GLU A 450 21.99 -1.99 8.11
CA GLU A 450 20.72 -1.36 8.41
C GLU A 450 20.85 -0.14 9.32
N TYR A 451 21.97 -0.04 10.03
CA TYR A 451 22.18 1.06 10.99
C TYR A 451 23.29 2.02 10.55
N PHE A 452 24.15 1.57 9.65
CA PHE A 452 25.25 2.41 9.16
C PHE A 452 24.77 3.45 8.15
N ARG A 453 25.12 4.71 8.39
CA ARG A 453 24.81 5.78 7.43
C ARG A 453 26.06 6.14 6.65
N ASP A 454 25.93 6.22 5.32
CA ASP A 454 27.04 6.53 4.45
C ASP A 454 27.67 7.89 4.78
N SER A 455 28.99 7.91 4.88
CA SER A 455 29.72 9.11 5.26
C SER A 455 29.57 10.24 4.25
N VAL A 456 29.05 9.91 3.07
CA VAL A 456 28.79 10.90 2.04
C VAL A 456 27.82 11.97 2.56
N CYS A 457 26.93 11.55 3.46
CA CYS A 457 25.97 12.45 4.08
C CYS A 457 26.43 12.81 5.49
N GLN A 458 26.52 14.12 5.76
CA GLN A 458 26.91 14.58 7.09
C GLN A 458 25.83 15.45 7.70
N LEU A 459 24.58 15.01 7.55
CA LEU A 459 23.43 15.72 8.09
C LEU A 459 22.83 15.00 9.29
N HIS B 20 -44.90 -5.74 -8.00
CA HIS B 20 -45.94 -6.53 -7.37
C HIS B 20 -45.36 -7.57 -6.43
N MET B 21 -44.21 -8.13 -6.80
CA MET B 21 -43.52 -9.09 -5.97
C MET B 21 -42.59 -8.39 -4.98
N ARG B 22 -43.06 -8.20 -3.76
CA ARG B 22 -42.33 -7.43 -2.77
C ARG B 22 -41.92 -8.26 -1.56
N THR B 23 -40.62 -8.28 -1.28
CA THR B 23 -40.09 -8.92 -0.09
C THR B 23 -39.41 -7.88 0.78
N ILE B 24 -38.55 -8.32 1.70
CA ILE B 24 -37.84 -7.41 2.58
C ILE B 24 -36.53 -6.95 1.93
N SER B 25 -36.21 -5.67 2.10
CA SER B 25 -34.98 -5.09 1.55
C SER B 25 -33.75 -5.86 2.00
N GLU B 26 -32.76 -5.95 1.13
CA GLU B 26 -31.57 -6.75 1.40
C GLU B 26 -30.64 -6.06 2.42
N ASP B 27 -30.83 -4.76 2.61
CA ASP B 27 -30.02 -4.01 3.56
C ASP B 27 -30.56 -4.13 4.98
N ILE B 28 -31.50 -5.07 5.18
CA ILE B 28 -32.13 -5.28 6.48
C ILE B 28 -32.04 -6.75 6.88
N LEU B 29 -31.41 -7.01 8.02
CA LEU B 29 -31.34 -8.35 8.56
C LEU B 29 -32.63 -8.70 9.29
N PHE B 30 -33.33 -9.72 8.80
CA PHE B 30 -34.51 -10.25 9.47
C PHE B 30 -34.22 -11.65 9.99
N ARG B 31 -34.64 -11.91 11.23
CA ARG B 31 -34.38 -13.18 11.88
C ARG B 31 -35.50 -13.56 12.83
N LEU B 32 -35.85 -14.84 12.84
CA LEU B 32 -36.79 -15.38 13.83
C LEU B 32 -36.05 -15.60 15.14
N GLU B 33 -36.69 -15.24 16.25
CA GLU B 33 -36.14 -15.49 17.58
C GLU B 33 -37.23 -16.05 18.50
N LYS B 34 -36.83 -16.48 19.68
CA LYS B 34 -37.74 -17.14 20.61
C LYS B 34 -38.88 -16.22 21.06
N PHE B 35 -38.65 -14.92 20.97
CA PHE B 35 -39.64 -13.92 21.36
C PHE B 35 -40.40 -13.36 20.16
N GLY B 36 -40.16 -13.94 18.99
CA GLY B 36 -40.77 -13.47 17.77
C GLY B 36 -39.73 -13.27 16.68
N GLY B 37 -39.19 -12.06 16.59
CA GLY B 37 -38.15 -11.78 15.62
C GLY B 37 -37.52 -10.40 15.81
N ILE B 38 -36.51 -10.12 14.99
CA ILE B 38 -35.83 -8.83 15.02
C ILE B 38 -35.56 -8.32 13.61
N LEU B 39 -35.60 -6.99 13.45
CA LEU B 39 -35.19 -6.33 12.23
C LEU B 39 -34.02 -5.40 12.54
N ILE B 40 -32.90 -5.59 11.85
CA ILE B 40 -31.74 -4.72 12.03
C ILE B 40 -31.27 -4.16 10.69
N ASN B 41 -31.13 -2.85 10.63
CA ASN B 41 -30.58 -2.18 9.46
C ASN B 41 -29.10 -2.47 9.33
N LYS B 42 -28.73 -3.19 8.27
CA LYS B 42 -27.34 -3.61 8.08
C LYS B 42 -26.37 -2.42 7.99
N THR B 43 -26.90 -1.22 7.79
CA THR B 43 -26.07 -0.03 7.68
C THR B 43 -25.94 0.71 9.01
N ASN B 44 -27.03 1.32 9.47
CA ASN B 44 -26.98 2.18 10.66
C ASN B 44 -27.31 1.46 11.97
N PHE B 45 -27.67 0.18 11.87
CA PHE B 45 -27.85 -0.67 13.05
C PHE B 45 -29.10 -0.32 13.87
N GLU B 46 -29.99 0.48 13.33
CA GLU B 46 -31.29 0.72 13.96
C GLU B 46 -32.03 -0.61 14.04
N ARG B 47 -32.71 -0.87 15.15
CA ARG B 47 -33.32 -2.17 15.38
C ARG B 47 -34.77 -2.10 15.81
N ILE B 48 -35.51 -3.17 15.52
CA ILE B 48 -36.91 -3.31 15.89
C ILE B 48 -37.19 -4.72 16.40
N GLU B 49 -37.93 -4.81 17.50
CA GLU B 49 -38.29 -6.09 18.10
C GLU B 49 -39.69 -6.51 17.62
N LEU B 50 -39.86 -7.80 17.35
CA LEU B 50 -41.10 -8.31 16.75
C LEU B 50 -41.76 -9.38 17.62
N ASP B 51 -43.08 -9.33 17.70
CA ASP B 51 -43.86 -10.38 18.35
C ASP B 51 -44.03 -11.54 17.38
N GLU B 52 -44.77 -12.56 17.78
CA GLU B 52 -44.98 -13.74 16.95
C GLU B 52 -45.74 -13.43 15.67
N THR B 53 -46.80 -12.64 15.80
CA THR B 53 -47.68 -12.33 14.66
C THR B 53 -46.91 -11.62 13.54
N GLU B 54 -46.16 -10.59 13.91
CA GLU B 54 -45.40 -9.81 12.93
C GLU B 54 -44.26 -10.62 12.34
N ALA B 55 -43.59 -11.41 13.17
CA ALA B 55 -42.44 -12.19 12.74
C ALA B 55 -42.86 -13.27 11.75
N PHE B 56 -43.98 -13.93 12.04
CA PHE B 56 -44.51 -14.96 11.15
C PHE B 56 -45.01 -14.34 9.85
N PHE B 57 -45.66 -13.18 9.96
CA PHE B 57 -46.11 -12.46 8.77
C PHE B 57 -44.93 -12.12 7.87
N LEU B 58 -43.90 -11.51 8.46
CA LEU B 58 -42.72 -11.11 7.70
C LEU B 58 -41.93 -12.31 7.20
N TYR B 59 -42.12 -13.46 7.83
CA TYR B 59 -41.46 -14.69 7.39
C TYR B 59 -42.10 -15.20 6.09
N LEU B 60 -43.39 -14.92 5.92
CA LEU B 60 -44.09 -15.30 4.70
C LEU B 60 -43.79 -14.31 3.59
N VAL B 61 -43.62 -13.04 3.94
CA VAL B 61 -43.24 -12.01 2.97
C VAL B 61 -41.92 -12.38 2.30
N GLN B 62 -41.02 -12.97 3.08
CA GLN B 62 -39.70 -13.33 2.57
C GLN B 62 -39.73 -14.53 1.63
N ASN B 63 -40.71 -15.42 1.83
CA ASN B 63 -40.76 -16.69 1.08
C ASN B 63 -41.87 -16.74 0.03
N HIS B 64 -42.83 -15.82 0.11
CA HIS B 64 -43.98 -15.84 -0.81
C HIS B 64 -44.37 -14.44 -1.28
N GLY B 65 -43.63 -13.42 -0.85
CA GLY B 65 -43.94 -12.06 -1.21
C GLY B 65 -45.02 -11.47 -0.33
N ILE B 66 -45.15 -10.15 -0.36
CA ILE B 66 -46.09 -9.45 0.52
C ILE B 66 -47.54 -9.68 0.11
N GLU B 67 -47.74 -10.14 -1.12
CA GLU B 67 -49.09 -10.38 -1.63
C GLU B 67 -49.73 -11.59 -0.96
N ILE B 68 -49.05 -12.72 -1.01
CA ILE B 68 -49.54 -13.95 -0.40
C ILE B 68 -49.57 -13.83 1.13
N ALA B 69 -48.55 -13.17 1.68
CA ALA B 69 -48.44 -13.02 3.13
C ALA B 69 -49.61 -12.21 3.68
N THR B 70 -49.99 -11.17 2.95
CA THR B 70 -51.08 -10.29 3.37
C THR B 70 -52.42 -11.03 3.38
N SER B 71 -52.62 -11.91 2.41
CA SER B 71 -53.86 -12.66 2.31
C SER B 71 -53.96 -13.72 3.40
N PHE B 72 -52.84 -14.37 3.68
CA PHE B 72 -52.80 -15.45 4.66
C PHE B 72 -53.15 -14.94 6.06
N PHE B 73 -52.83 -13.67 6.33
CA PHE B 73 -53.07 -13.08 7.64
C PHE B 73 -54.17 -12.02 7.60
N LYS B 74 -55.15 -12.23 6.72
CA LYS B 74 -56.27 -11.30 6.55
C LYS B 74 -56.97 -11.02 7.88
N LYS B 75 -57.13 -12.06 8.69
CA LYS B 75 -57.76 -11.93 10.01
C LYS B 75 -56.92 -11.03 10.91
N GLU B 76 -55.63 -11.34 11.00
CA GLU B 76 -54.72 -10.58 11.86
C GLU B 76 -54.64 -9.11 11.44
N ILE B 77 -54.61 -8.86 10.14
CA ILE B 77 -54.55 -7.49 9.63
C ILE B 77 -55.84 -6.74 9.98
N GLU B 78 -56.95 -7.49 10.02
CA GLU B 78 -58.25 -6.88 10.27
C GLU B 78 -58.40 -6.48 11.73
N MET B 79 -57.81 -7.25 12.63
CA MET B 79 -57.84 -6.95 14.05
C MET B 79 -56.86 -5.84 14.40
N GLY B 80 -56.03 -5.47 13.44
CA GLY B 80 -55.12 -4.35 13.60
C GLY B 80 -53.79 -4.74 14.24
N LYS B 81 -53.45 -6.02 14.15
CA LYS B 81 -52.24 -6.53 14.79
C LYS B 81 -50.99 -6.32 13.93
N LEU B 82 -51.19 -6.20 12.62
CA LEU B 82 -50.07 -6.08 11.68
C LEU B 82 -49.94 -4.66 11.13
N GLU B 83 -50.69 -3.72 11.70
CA GLU B 83 -50.64 -2.33 11.26
C GLU B 83 -49.24 -1.76 11.40
N ARG B 84 -48.54 -2.19 12.45
CA ARG B 84 -47.18 -1.73 12.71
C ARG B 84 -46.20 -2.27 11.68
N ALA B 85 -46.34 -3.54 11.34
CA ALA B 85 -45.44 -4.20 10.40
C ALA B 85 -45.59 -3.62 9.00
N LEU B 86 -46.83 -3.37 8.59
CA LEU B 86 -47.12 -2.87 7.25
C LEU B 86 -46.60 -1.45 7.06
N SER B 87 -46.52 -0.71 8.17
CA SER B 87 -46.11 0.70 8.13
C SER B 87 -44.61 0.87 7.98
N LEU B 88 -43.85 -0.19 8.26
CA LEU B 88 -42.40 -0.12 8.16
C LEU B 88 -41.96 -0.02 6.71
N ASN B 89 -40.97 0.84 6.46
CA ASN B 89 -40.38 0.97 5.13
C ASN B 89 -39.17 0.04 5.02
N ILE B 90 -39.46 -1.25 4.84
CA ILE B 90 -38.42 -2.27 4.82
C ILE B 90 -38.52 -3.13 3.56
N TYR B 91 -39.53 -2.87 2.74
CA TYR B 91 -39.85 -3.72 1.60
C TYR B 91 -39.26 -3.19 0.30
N SER B 92 -39.07 -4.11 -0.64
CA SER B 92 -38.55 -3.78 -1.96
C SER B 92 -39.00 -4.83 -2.97
N ASP B 93 -38.68 -4.61 -4.25
CA ASP B 93 -39.08 -5.52 -5.31
C ASP B 93 -38.03 -6.62 -5.49
N ASN B 94 -38.49 -7.80 -5.88
CA ASN B 94 -37.60 -8.96 -6.02
C ASN B 94 -37.80 -9.69 -7.36
N ASN B 95 -36.74 -10.33 -7.84
CA ASN B 95 -36.77 -11.02 -9.12
C ASN B 95 -37.16 -12.48 -9.02
N ILE B 96 -37.45 -12.94 -7.80
CA ILE B 96 -37.78 -14.35 -7.58
C ILE B 96 -38.95 -14.78 -8.45
N GLU B 97 -38.71 -15.79 -9.29
CA GLU B 97 -39.70 -16.23 -10.26
C GLU B 97 -40.93 -16.85 -9.59
N ASP B 98 -42.01 -16.99 -10.35
CA ASP B 98 -43.25 -17.55 -9.84
C ASP B 98 -43.10 -19.01 -9.47
N SER B 99 -43.22 -19.29 -8.18
CA SER B 99 -43.16 -20.67 -7.68
C SER B 99 -44.36 -20.95 -6.77
N LEU B 100 -45.18 -21.91 -7.17
CA LEU B 100 -46.35 -22.28 -6.39
C LEU B 100 -45.96 -23.06 -5.13
N ASN B 101 -45.37 -22.35 -4.17
CA ASN B 101 -45.00 -22.96 -2.90
C ASN B 101 -46.09 -22.78 -1.84
N ASN B 102 -46.18 -23.74 -0.92
CA ASN B 102 -47.26 -23.75 0.06
C ASN B 102 -46.91 -22.93 1.31
N PRO B 103 -47.61 -21.80 1.53
CA PRO B 103 -47.31 -21.01 2.73
C PRO B 103 -47.63 -21.71 4.04
N TYR B 104 -48.47 -22.74 4.00
CA TYR B 104 -48.77 -23.51 5.20
C TYR B 104 -47.55 -24.29 5.65
N GLU B 105 -46.81 -24.84 4.68
CA GLU B 105 -45.60 -25.58 4.99
C GLU B 105 -44.52 -24.67 5.52
N THR B 106 -44.56 -23.40 5.09
CA THR B 106 -43.61 -22.40 5.54
C THR B 106 -43.86 -22.01 6.98
N LEU B 107 -45.13 -21.84 7.34
CA LEU B 107 -45.50 -21.42 8.68
C LEU B 107 -45.22 -22.50 9.71
N GLN B 108 -45.32 -23.76 9.28
CA GLN B 108 -45.01 -24.89 10.15
C GLN B 108 -43.52 -24.93 10.45
N ASN B 109 -42.71 -24.61 9.44
CA ASN B 109 -41.26 -24.57 9.61
C ASN B 109 -40.86 -23.50 10.62
N ALA B 110 -41.50 -22.34 10.52
CA ALA B 110 -41.24 -21.25 11.45
C ALA B 110 -41.54 -21.68 12.89
N ARG B 111 -42.68 -22.32 13.09
CA ARG B 111 -43.08 -22.79 14.41
C ARG B 111 -42.08 -23.78 14.98
N LYS B 112 -41.57 -24.67 14.13
CA LYS B 112 -40.57 -25.64 14.53
C LYS B 112 -39.32 -24.92 15.04
N HIS B 113 -38.83 -23.99 14.25
CA HIS B 113 -37.61 -23.26 14.56
C HIS B 113 -37.77 -22.48 15.86
N VAL B 114 -38.82 -21.65 15.95
CA VAL B 114 -39.05 -20.82 17.11
C VAL B 114 -39.20 -21.65 18.39
N ALA B 115 -39.87 -22.80 18.28
CA ALA B 115 -40.06 -23.68 19.44
C ALA B 115 -38.72 -24.20 19.94
N LYS B 116 -37.83 -24.51 19.01
CA LYS B 116 -36.50 -25.00 19.34
C LYS B 116 -35.71 -23.94 20.10
N LEU B 117 -35.85 -22.69 19.67
CA LEU B 117 -35.17 -21.58 20.32
C LEU B 117 -35.72 -21.35 21.73
N LYS B 118 -37.01 -21.61 21.93
CA LYS B 118 -37.61 -21.46 23.24
C LYS B 118 -37.15 -22.57 24.19
N LYS B 119 -36.93 -23.76 23.63
CA LYS B 119 -36.46 -24.89 24.42
C LYS B 119 -35.05 -24.62 24.95
N HIS B 120 -34.14 -24.26 24.05
CA HIS B 120 -32.77 -23.97 24.42
C HIS B 120 -32.64 -22.58 25.05
N ASN B 121 -33.66 -21.75 24.85
CA ASN B 121 -33.70 -20.41 25.43
C ASN B 121 -32.46 -19.58 25.07
N ILE B 122 -32.18 -19.49 23.76
CA ILE B 122 -31.04 -18.71 23.28
C ILE B 122 -31.39 -17.92 22.02
N LEU B 123 -30.47 -17.07 21.61
CA LEU B 123 -30.61 -16.36 20.34
C LEU B 123 -30.19 -17.30 19.23
N SER B 124 -30.84 -17.17 18.07
CA SER B 124 -30.62 -18.08 16.95
C SER B 124 -29.16 -18.15 16.51
N PHE B 125 -28.49 -17.01 16.50
CA PHE B 125 -27.10 -16.93 16.04
C PHE B 125 -26.46 -15.64 16.54
N PRO B 126 -25.12 -15.61 16.68
CA PRO B 126 -24.50 -14.33 17.05
C PRO B 126 -24.68 -13.25 16.00
N LEU B 127 -24.70 -12.00 16.42
CA LEU B 127 -24.80 -10.87 15.51
C LEU B 127 -23.42 -10.53 14.94
N GLU B 128 -22.39 -10.77 15.74
CA GLU B 128 -21.02 -10.49 15.35
C GLU B 128 -20.15 -11.74 15.40
N LEU B 129 -19.47 -12.02 14.29
CA LEU B 129 -18.49 -13.10 14.23
C LEU B 129 -17.09 -12.51 14.09
N VAL B 130 -16.20 -12.90 14.99
CA VAL B 130 -14.83 -12.40 14.97
C VAL B 130 -13.85 -13.50 14.58
N ILE B 131 -13.13 -13.28 13.47
CA ILE B 131 -12.16 -14.26 13.00
C ILE B 131 -10.74 -13.71 13.09
N TYR B 132 -9.81 -14.59 13.47
CA TYR B 132 -8.40 -14.25 13.61
C TYR B 132 -7.57 -15.09 12.64
N PRO B 133 -7.49 -14.68 11.36
CA PRO B 133 -6.76 -15.46 10.35
C PRO B 133 -5.34 -15.82 10.77
N SER B 134 -4.65 -14.87 11.39
CA SER B 134 -3.30 -15.09 11.89
C SER B 134 -3.12 -14.40 13.24
N MET B 135 -2.35 -15.04 14.12
CA MET B 135 -2.08 -14.49 15.45
C MET B 135 -0.81 -13.66 15.47
N TYR B 136 0.03 -13.83 14.45
CA TYR B 136 1.27 -13.08 14.36
C TYR B 136 1.00 -11.61 14.02
N CYS B 137 1.73 -10.72 14.68
CA CYS B 137 1.63 -9.29 14.38
C CYS B 137 3.02 -8.72 14.15
N ASP B 138 3.12 -7.79 13.21
CA ASP B 138 4.40 -7.18 12.86
C ASP B 138 4.83 -6.11 13.85
N LEU B 139 4.15 -6.04 15.00
CA LEU B 139 4.50 -5.09 16.05
C LEU B 139 4.32 -5.70 17.43
N LYS B 140 4.66 -4.92 18.46
CA LYS B 140 4.54 -5.36 19.84
C LYS B 140 4.16 -4.18 20.73
N CYS B 141 2.88 -3.87 20.78
CA CYS B 141 2.39 -2.72 21.54
C CYS B 141 2.31 -3.04 23.04
N GLY B 142 2.47 -2.00 23.85
CA GLY B 142 2.47 -2.17 25.30
C GLY B 142 1.10 -2.44 25.87
N PHE B 143 0.07 -1.91 25.24
CA PHE B 143 -1.31 -2.10 25.69
C PHE B 143 -1.93 -3.35 25.07
N CYS B 144 -1.14 -4.09 24.29
CA CYS B 144 -1.61 -5.29 23.62
C CYS B 144 -1.18 -6.55 24.38
N PHE B 145 -2.13 -7.46 24.60
CA PHE B 145 -1.86 -8.70 25.33
C PHE B 145 -1.59 -9.86 24.38
N LEU B 146 -1.69 -9.60 23.08
CA LEU B 146 -1.43 -10.61 22.05
C LEU B 146 -0.05 -10.43 21.45
N ALA B 147 0.62 -9.35 21.83
CA ALA B 147 1.94 -9.02 21.29
C ALA B 147 2.99 -10.06 21.69
N ASN B 148 4.07 -10.10 20.92
CA ASN B 148 5.16 -11.04 21.17
C ASN B 148 4.69 -12.49 21.12
N ARG B 149 3.61 -12.74 20.37
CA ARG B 149 3.07 -14.08 20.23
C ARG B 149 2.92 -14.44 18.75
N GLU B 150 3.85 -15.24 18.25
CA GLU B 150 3.88 -15.60 16.84
C GLU B 150 2.97 -16.78 16.51
N ASP B 151 2.90 -17.10 15.23
CA ASP B 151 2.10 -18.22 14.75
C ASP B 151 2.54 -18.62 13.34
N ARG B 152 2.60 -19.92 13.09
CA ARG B 152 3.10 -20.41 11.80
C ARG B 152 2.28 -21.57 11.25
N ASN B 153 1.08 -21.77 11.80
CA ASN B 153 0.21 -22.84 11.33
C ASN B 153 -1.17 -22.30 10.94
N ALA B 154 -1.19 -21.33 10.04
CA ALA B 154 -2.43 -20.69 9.62
C ALA B 154 -3.01 -21.37 8.37
N LYS B 155 -4.33 -21.45 8.32
CA LYS B 155 -5.02 -22.03 7.18
C LYS B 155 -5.16 -21.00 6.05
N PRO B 156 -5.54 -21.47 4.86
CA PRO B 156 -5.78 -20.57 3.72
C PRO B 156 -7.22 -20.06 3.69
N ALA B 157 -7.54 -19.23 2.69
CA ALA B 157 -8.85 -18.58 2.61
C ALA B 157 -9.99 -19.56 2.37
N LYS B 158 -9.68 -20.71 1.78
CA LYS B 158 -10.70 -21.70 1.44
C LYS B 158 -11.38 -22.24 2.70
N ASP B 159 -10.59 -22.55 3.72
CA ASP B 159 -11.12 -23.09 4.97
C ASP B 159 -11.97 -22.06 5.68
N TRP B 160 -11.60 -20.78 5.55
CA TRP B 160 -12.36 -19.69 6.16
C TRP B 160 -13.63 -19.40 5.37
N GLU B 161 -13.58 -19.65 4.06
CA GLU B 161 -14.75 -19.48 3.20
C GLU B 161 -15.89 -20.37 3.68
N ARG B 162 -15.53 -21.54 4.19
CA ARG B 162 -16.50 -22.45 4.77
C ARG B 162 -17.17 -21.81 5.98
N ILE B 163 -16.35 -21.23 6.85
CA ILE B 163 -16.83 -20.59 8.06
C ILE B 163 -17.71 -19.37 7.74
N LEU B 164 -17.27 -18.57 6.78
CA LEU B 164 -18.02 -17.39 6.37
C LEU B 164 -19.35 -17.75 5.73
N ARG B 165 -19.40 -18.91 5.09
CA ARG B 165 -20.63 -19.36 4.44
C ARG B 165 -21.67 -19.76 5.49
N GLN B 166 -21.25 -20.57 6.45
CA GLN B 166 -22.13 -20.97 7.55
C GLN B 166 -22.68 -19.76 8.30
N ALA B 167 -21.83 -18.75 8.47
CA ALA B 167 -22.21 -17.54 9.21
C ALA B 167 -23.29 -16.76 8.45
N LYS B 168 -23.05 -16.53 7.17
CA LYS B 168 -24.00 -15.80 6.32
C LYS B 168 -25.37 -16.50 6.31
N ASP B 169 -25.35 -17.82 6.20
CA ASP B 169 -26.57 -18.60 6.08
C ASP B 169 -27.46 -18.53 7.31
N ASN B 170 -26.85 -18.44 8.49
CA ASN B 170 -27.59 -18.45 9.74
C ASN B 170 -28.02 -17.05 10.19
N GLY B 171 -27.59 -16.03 9.46
CA GLY B 171 -28.06 -14.69 9.68
C GLY B 171 -27.17 -13.79 10.52
N VAL B 172 -25.87 -13.93 10.35
CA VAL B 172 -24.92 -13.08 11.06
C VAL B 172 -25.07 -11.64 10.58
N LEU B 173 -24.76 -10.68 11.44
CA LEU B 173 -24.96 -9.27 11.13
C LEU B 173 -23.68 -8.63 10.58
N SER B 174 -22.54 -9.16 11.00
CA SER B 174 -21.25 -8.60 10.57
C SER B 174 -20.10 -9.54 10.93
N VAL B 175 -19.00 -9.43 10.19
CA VAL B 175 -17.81 -10.22 10.45
C VAL B 175 -16.61 -9.31 10.68
N SER B 176 -15.99 -9.46 11.84
CA SER B 176 -14.82 -8.66 12.21
C SER B 176 -13.55 -9.46 12.05
N ILE B 177 -12.59 -8.91 11.30
CA ILE B 177 -11.32 -9.57 11.04
C ILE B 177 -10.21 -8.87 11.82
N LEU B 178 -9.59 -9.61 12.75
CA LEU B 178 -8.58 -9.03 13.63
C LEU B 178 -7.29 -9.84 13.66
N GLY B 179 -6.59 -9.77 14.78
CA GLY B 179 -5.33 -10.46 14.97
C GLY B 179 -4.66 -10.01 16.25
N GLY B 180 -3.36 -9.76 16.19
CA GLY B 180 -2.59 -9.90 14.97
C GLY B 180 -2.86 -8.81 13.95
N GLU B 181 -1.99 -8.72 12.95
CA GLU B 181 -2.20 -7.81 11.84
C GLU B 181 -2.71 -8.58 10.62
N PRO B 182 -4.03 -8.52 10.39
CA PRO B 182 -4.70 -9.30 9.34
C PRO B 182 -4.16 -9.05 7.94
N THR B 183 -3.54 -7.90 7.70
CA THR B 183 -2.95 -7.62 6.40
C THR B 183 -1.66 -8.41 6.21
N ARG B 184 -1.02 -8.78 7.32
CA ARG B 184 0.17 -9.61 7.27
C ARG B 184 -0.20 -11.06 6.97
N TYR B 185 -1.49 -11.37 7.04
CA TYR B 185 -1.99 -12.70 6.70
C TYR B 185 -1.73 -12.99 5.22
N PHE B 186 -1.07 -14.12 4.95
CA PHE B 186 -0.54 -14.40 3.62
C PHE B 186 -1.62 -14.50 2.55
N ASP B 187 -2.85 -14.83 2.94
CA ASP B 187 -3.94 -15.00 1.98
C ASP B 187 -5.12 -14.10 2.31
N ILE B 188 -4.84 -12.92 2.87
CA ILE B 188 -5.89 -11.98 3.25
C ILE B 188 -6.68 -11.52 2.03
N ASP B 189 -5.99 -11.39 0.90
CA ASP B 189 -6.62 -10.93 -0.33
C ASP B 189 -7.75 -11.86 -0.77
N ASN B 190 -7.47 -13.17 -0.80
CA ASN B 190 -8.48 -14.16 -1.13
C ASN B 190 -9.59 -14.16 -0.08
N LEU B 191 -9.23 -13.94 1.17
CA LEU B 191 -10.19 -13.87 2.26
C LEU B 191 -11.12 -12.68 2.10
N LEU B 192 -10.55 -11.51 1.86
CA LEU B 192 -11.33 -10.29 1.66
C LEU B 192 -12.26 -10.44 0.46
N ILE B 193 -11.78 -11.09 -0.58
CA ILE B 193 -12.58 -11.35 -1.78
C ILE B 193 -13.80 -12.22 -1.44
N ALA B 194 -13.58 -13.22 -0.59
CA ALA B 194 -14.64 -14.13 -0.18
C ALA B 194 -15.79 -13.38 0.48
N CYS B 195 -15.44 -12.43 1.36
CA CYS B 195 -16.44 -11.65 2.07
C CYS B 195 -17.26 -10.80 1.11
N GLU B 196 -16.58 -10.21 0.13
CA GLU B 196 -17.23 -9.34 -0.84
C GLU B 196 -18.25 -10.09 -1.68
N GLU B 197 -17.88 -11.30 -2.11
CA GLU B 197 -18.76 -12.13 -2.92
C GLU B 197 -19.95 -12.65 -2.10
N LEU B 198 -19.69 -13.06 -0.87
CA LEU B 198 -20.73 -13.59 0.00
C LEU B 198 -21.69 -12.51 0.48
N LYS B 199 -21.40 -11.26 0.11
CA LYS B 199 -22.23 -10.12 0.47
C LYS B 199 -22.35 -9.99 1.98
N ILE B 200 -21.26 -10.30 2.69
CA ILE B 200 -21.24 -10.20 4.14
C ILE B 200 -20.57 -8.91 4.58
N LYS B 201 -21.32 -8.05 5.26
CA LYS B 201 -20.77 -6.84 5.84
C LYS B 201 -19.58 -7.18 6.73
N THR B 202 -18.42 -6.61 6.42
CA THR B 202 -17.19 -6.98 7.10
C THR B 202 -16.37 -5.78 7.52
N THR B 203 -15.51 -5.96 8.51
CA THR B 203 -14.54 -4.95 8.90
C THR B 203 -13.18 -5.59 9.11
N ILE B 204 -12.12 -4.89 8.72
CA ILE B 204 -10.76 -5.37 8.94
C ILE B 204 -9.95 -4.30 9.67
N THR B 205 -9.29 -4.70 10.75
CA THR B 205 -8.55 -3.76 11.58
C THR B 205 -7.05 -3.89 11.37
N THR B 206 -6.46 -2.87 10.76
CA THR B 206 -5.04 -2.92 10.40
C THR B 206 -4.27 -1.72 10.96
N ASN B 207 -2.97 -1.91 11.17
CA ASN B 207 -2.11 -0.81 11.59
C ASN B 207 -1.60 -0.03 10.38
N ALA B 208 -1.87 -0.57 9.20
CA ALA B 208 -1.53 0.08 7.94
C ALA B 208 -0.03 0.34 7.83
N GLN B 209 0.77 -0.64 8.20
CA GLN B 209 2.22 -0.50 8.17
C GLN B 209 2.83 -1.19 6.95
N LEU B 210 2.63 -2.49 6.84
CA LEU B 210 3.18 -3.27 5.74
C LEU B 210 2.08 -3.85 4.87
N ILE B 211 1.02 -3.09 4.69
CA ILE B 211 -0.12 -3.53 3.89
C ILE B 211 0.19 -3.44 2.40
N LYS B 212 -0.10 -4.51 1.67
CA LYS B 212 0.13 -4.55 0.23
C LYS B 212 -0.67 -3.47 -0.49
N LYS B 213 -0.20 -3.08 -1.67
CA LYS B 213 -0.95 -2.16 -2.51
C LYS B 213 -2.15 -2.88 -3.09
N SER B 214 -2.02 -4.21 -3.22
CA SER B 214 -3.09 -5.05 -3.73
C SER B 214 -4.24 -5.14 -2.73
N THR B 215 -3.90 -5.24 -1.46
CA THR B 215 -4.90 -5.32 -0.39
C THR B 215 -5.65 -3.99 -0.26
N VAL B 216 -4.90 -2.89 -0.33
CA VAL B 216 -5.48 -1.55 -0.23
C VAL B 216 -6.47 -1.30 -1.36
N GLU B 217 -6.19 -1.86 -2.53
CA GLU B 217 -7.03 -1.67 -3.70
C GLU B 217 -8.36 -2.39 -3.56
N ILE B 218 -8.33 -3.58 -2.93
CA ILE B 218 -9.53 -4.38 -2.74
C ILE B 218 -10.55 -3.69 -1.84
N LEU B 219 -10.05 -2.96 -0.85
CA LEU B 219 -10.91 -2.30 0.12
C LEU B 219 -11.59 -1.06 -0.46
N ALA B 220 -10.86 -0.33 -1.30
CA ALA B 220 -11.36 0.92 -1.87
C ALA B 220 -12.50 0.68 -2.84
N LYS B 221 -12.49 -0.47 -3.51
CA LYS B 221 -13.53 -0.83 -4.46
C LYS B 221 -14.64 -1.63 -3.77
N SER B 222 -14.32 -2.17 -2.60
CA SER B 222 -15.26 -3.00 -1.85
C SER B 222 -16.47 -2.21 -1.39
N LYS B 223 -17.65 -2.85 -1.46
CA LYS B 223 -18.89 -2.21 -1.05
C LYS B 223 -19.36 -2.73 0.31
N TYR B 224 -18.79 -3.85 0.73
CA TYR B 224 -19.21 -4.50 1.97
C TYR B 224 -18.16 -4.43 3.08
N ILE B 225 -16.89 -4.28 2.69
CA ILE B 225 -15.79 -4.28 3.65
C ILE B 225 -15.37 -2.86 4.02
N THR B 226 -15.41 -2.56 5.32
CA THR B 226 -15.01 -1.26 5.84
C THR B 226 -13.72 -1.37 6.66
N PRO B 227 -12.65 -0.66 6.25
CA PRO B 227 -11.40 -0.74 6.99
C PRO B 227 -11.41 0.08 8.28
N VAL B 228 -10.72 -0.41 9.31
CA VAL B 228 -10.54 0.31 10.56
C VAL B 228 -9.05 0.46 10.84
N LEU B 229 -8.62 1.69 11.12
CA LEU B 229 -7.21 1.98 11.31
C LEU B 229 -6.85 2.15 12.78
N SER B 230 -5.84 1.41 13.23
CA SER B 230 -5.33 1.54 14.60
C SER B 230 -4.45 2.79 14.71
N LEU B 231 -4.83 3.69 15.61
CA LEU B 231 -4.13 4.97 15.75
C LEU B 231 -4.41 5.57 17.12
N GLN B 232 -3.33 5.81 17.88
CA GLN B 232 -3.47 6.24 19.27
C GLN B 232 -3.48 7.76 19.40
N THR B 233 -2.73 8.44 18.54
CA THR B 233 -2.66 9.89 18.57
C THR B 233 -1.88 10.43 17.38
N LEU B 234 -2.06 11.71 17.09
CA LEU B 234 -1.33 12.37 16.03
C LEU B 234 0.07 12.78 16.52
N ASP B 235 0.24 12.79 17.84
CA ASP B 235 1.54 13.05 18.44
C ASP B 235 2.49 11.90 18.12
N SER B 236 3.49 12.17 17.29
CA SER B 236 4.41 11.14 16.81
C SER B 236 5.20 10.50 17.96
N LYS B 237 5.53 11.30 18.97
CA LYS B 237 6.31 10.82 20.10
C LYS B 237 5.51 9.86 20.97
N LEU B 238 4.34 10.30 21.41
CA LEU B 238 3.49 9.49 22.28
C LEU B 238 2.99 8.25 21.55
N ASN B 239 2.63 8.40 20.27
CA ASN B 239 2.16 7.28 19.49
C ASN B 239 3.28 6.25 19.29
N PHE B 240 4.51 6.75 19.28
CA PHE B 240 5.68 5.88 19.17
C PHE B 240 5.88 5.09 20.46
N GLU B 241 5.65 5.75 21.59
CA GLU B 241 5.77 5.11 22.89
C GLU B 241 4.73 4.02 23.05
N LEU B 242 3.54 4.26 22.51
CA LEU B 242 2.41 3.35 22.67
C LEU B 242 2.46 2.17 21.70
N MET B 243 2.76 2.46 20.43
CA MET B 243 2.70 1.44 19.38
C MET B 243 4.09 1.02 18.88
N GLY B 244 5.10 1.84 19.16
CA GLY B 244 6.44 1.55 18.70
C GLY B 244 6.69 2.01 17.28
N VAL B 245 5.69 2.70 16.71
CA VAL B 245 5.80 3.25 15.37
C VAL B 245 5.16 4.64 15.32
N ARG B 246 5.49 5.40 14.28
CA ARG B 246 4.90 6.72 14.10
C ARG B 246 3.52 6.59 13.47
N PRO B 247 2.70 7.65 13.59
CA PRO B 247 1.34 7.63 13.04
C PRO B 247 1.27 8.01 11.56
N ASP B 248 2.41 8.08 10.91
CA ASP B 248 2.50 8.59 9.54
C ASP B 248 1.74 7.73 8.53
N ARG B 249 1.96 6.42 8.60
CA ARG B 249 1.37 5.51 7.62
C ARG B 249 -0.15 5.40 7.76
N GLN B 250 -0.63 5.46 9.00
CA GLN B 250 -2.08 5.45 9.25
C GLN B 250 -2.73 6.69 8.64
N ILE B 251 -2.12 7.85 8.89
CA ILE B 251 -2.65 9.12 8.40
C ILE B 251 -2.72 9.15 6.88
N LYS B 252 -1.71 8.57 6.24
CA LYS B 252 -1.66 8.52 4.78
C LYS B 252 -2.81 7.71 4.21
N LEU B 253 -3.02 6.52 4.78
CA LEU B 253 -4.08 5.63 4.31
C LEU B 253 -5.46 6.23 4.54
N ALA B 254 -5.61 6.95 5.65
CA ALA B 254 -6.86 7.63 5.95
C ALA B 254 -7.14 8.73 4.93
N LYS B 255 -6.11 9.50 4.61
CA LYS B 255 -6.25 10.57 3.62
C LYS B 255 -6.57 10.01 2.25
N TYR B 256 -5.97 8.87 1.91
CA TYR B 256 -6.19 8.24 0.62
C TYR B 256 -7.64 7.82 0.44
N PHE B 257 -8.17 7.10 1.42
CA PHE B 257 -9.54 6.60 1.36
C PHE B 257 -10.53 7.74 1.20
N ASN B 258 -10.26 8.86 1.86
CA ASN B 258 -11.06 10.06 1.72
C ASN B 258 -11.00 10.58 0.28
N GLU B 259 -9.82 10.47 -0.33
CA GLU B 259 -9.60 10.95 -1.69
C GLU B 259 -10.33 10.10 -2.72
N VAL B 260 -10.40 8.79 -2.47
CA VAL B 260 -11.05 7.87 -3.40
C VAL B 260 -12.55 7.75 -3.11
N GLY B 261 -12.95 8.18 -1.92
CA GLY B 261 -14.35 8.16 -1.54
C GLY B 261 -14.78 6.91 -0.81
N LYS B 262 -13.81 6.20 -0.22
CA LYS B 262 -14.08 4.97 0.51
C LYS B 262 -14.22 5.23 2.00
N LYS B 263 -15.29 4.70 2.60
CA LYS B 263 -15.54 4.88 4.03
C LYS B 263 -14.44 4.23 4.87
N CYS B 264 -13.90 4.98 5.81
CA CYS B 264 -12.82 4.52 6.67
C CYS B 264 -13.11 4.84 8.13
N ARG B 265 -12.46 4.11 9.04
CA ARG B 265 -12.67 4.30 10.47
C ARG B 265 -11.37 4.29 11.26
N ILE B 266 -11.41 4.92 12.43
CA ILE B 266 -10.25 5.02 13.32
C ILE B 266 -10.61 4.47 14.70
N ASN B 267 -9.79 3.55 15.21
CA ASN B 267 -9.97 3.03 16.56
C ASN B 267 -8.74 3.29 17.43
N ALA B 268 -8.98 3.83 18.61
CA ALA B 268 -7.91 4.12 19.56
C ALA B 268 -8.17 3.42 20.89
N VAL B 269 -7.13 3.31 21.70
CA VAL B 269 -7.23 2.75 23.05
C VAL B 269 -6.85 3.82 24.07
N TYR B 270 -7.76 4.07 25.01
CA TYR B 270 -7.57 5.14 25.99
C TYR B 270 -6.52 4.76 27.03
N THR B 271 -5.24 5.02 26.71
CA THR B 271 -4.14 4.68 27.59
C THR B 271 -3.56 5.92 28.27
N LYS B 272 -2.76 6.68 27.53
CA LYS B 272 -2.05 7.83 28.09
C LYS B 272 -2.36 9.13 27.36
N GLN B 273 -3.36 9.09 26.46
CA GLN B 273 -3.74 10.28 25.71
C GLN B 273 -4.40 11.31 26.61
N SER B 274 -4.20 12.59 26.29
CA SER B 274 -4.87 13.67 26.99
C SER B 274 -6.13 14.06 26.24
N TYR B 275 -6.94 14.93 26.83
CA TYR B 275 -8.12 15.46 26.16
C TYR B 275 -7.71 16.19 24.89
N GLU B 276 -6.68 17.03 25.02
CA GLU B 276 -6.21 17.82 23.89
C GLU B 276 -5.74 16.93 22.75
N GLN B 277 -5.07 15.84 23.10
CA GLN B 277 -4.58 14.89 22.11
C GLN B 277 -5.73 14.14 21.43
N ILE B 278 -6.77 13.84 22.21
CA ILE B 278 -7.95 13.17 21.67
C ILE B 278 -8.69 14.06 20.68
N ILE B 279 -8.99 15.30 21.10
CA ILE B 279 -9.67 16.26 20.24
C ILE B 279 -8.88 16.48 18.96
N GLU B 280 -7.56 16.48 19.07
CA GLU B 280 -6.69 16.61 17.91
C GLU B 280 -7.00 15.52 16.90
N LEU B 281 -7.28 14.32 17.40
CA LEU B 281 -7.59 13.18 16.55
C LEU B 281 -9.05 13.24 16.08
N VAL B 282 -9.90 13.92 16.85
CA VAL B 282 -11.29 14.12 16.45
C VAL B 282 -11.35 15.11 15.29
N ASP B 283 -10.59 16.19 15.37
CA ASP B 283 -10.53 17.18 14.31
C ASP B 283 -10.02 16.53 13.02
N PHE B 284 -9.06 15.62 13.16
CA PHE B 284 -8.53 14.90 12.02
C PHE B 284 -9.61 14.04 11.37
N CYS B 285 -10.44 13.42 12.20
CA CYS B 285 -11.52 12.57 11.71
C CYS B 285 -12.55 13.40 10.94
N ILE B 286 -12.92 14.55 11.50
CA ILE B 286 -13.85 15.47 10.85
C ILE B 286 -13.29 15.94 9.52
N GLU B 287 -12.02 16.32 9.52
CA GLU B 287 -11.35 16.83 8.32
C GLU B 287 -11.34 15.82 7.19
N ASN B 288 -11.03 14.57 7.51
CA ASN B 288 -10.95 13.52 6.50
C ASN B 288 -12.25 12.73 6.35
N LYS B 289 -13.35 13.31 6.83
CA LYS B 289 -14.68 12.73 6.68
C LYS B 289 -14.73 11.27 7.13
N ILE B 290 -13.99 10.96 8.18
CA ILE B 290 -14.01 9.63 8.79
C ILE B 290 -15.43 9.25 9.17
N ASP B 291 -15.78 7.99 8.91
CA ASP B 291 -17.12 7.49 9.16
C ASP B 291 -17.40 7.35 10.65
N ARG B 292 -16.47 6.70 11.35
CA ARG B 292 -16.62 6.41 12.78
C ARG B 292 -15.29 6.50 13.51
N PHE B 293 -15.32 7.09 14.70
CA PHE B 293 -14.13 7.17 15.56
C PHE B 293 -14.46 6.61 16.94
N SER B 294 -13.72 5.58 17.36
CA SER B 294 -14.02 4.90 18.60
C SER B 294 -12.82 4.84 19.55
N VAL B 295 -13.10 4.96 20.85
CA VAL B 295 -12.08 4.93 21.89
C VAL B 295 -12.37 3.78 22.86
N ALA B 296 -11.56 2.73 22.78
CA ALA B 296 -11.78 1.53 23.57
C ALA B 296 -11.16 1.63 24.96
N ASN B 297 -11.81 1.02 25.94
CA ASN B 297 -11.30 0.97 27.31
C ASN B 297 -10.10 0.02 27.41
N TYR B 298 -9.08 0.44 28.15
CA TYR B 298 -7.86 -0.34 28.29
C TYR B 298 -7.97 -1.36 29.42
N SER B 299 -7.92 -2.64 29.06
CA SER B 299 -8.00 -3.72 30.04
C SER B 299 -6.62 -4.31 30.29
N GLU B 300 -6.03 -3.96 31.42
CA GLU B 300 -4.67 -4.38 31.74
C GLU B 300 -4.57 -5.88 31.96
N VAL B 301 -3.90 -6.57 31.04
CA VAL B 301 -3.65 -7.99 31.17
C VAL B 301 -2.26 -8.22 31.75
N THR B 302 -2.20 -8.42 33.07
CA THR B 302 -0.93 -8.56 33.77
C THR B 302 -0.09 -9.71 33.23
N GLY B 303 1.13 -9.39 32.83
CA GLY B 303 2.04 -10.39 32.29
C GLY B 303 2.13 -10.34 30.78
N TYR B 304 1.24 -9.58 30.16
CA TYR B 304 1.23 -9.44 28.71
C TYR B 304 1.19 -7.96 28.29
N THR B 305 0.62 -7.13 29.15
CA THR B 305 0.55 -5.69 28.90
C THR B 305 1.63 -4.94 29.67
N LYS B 306 2.44 -4.18 28.95
CA LYS B 306 3.55 -3.44 29.56
C LYS B 306 3.07 -2.13 30.18
N ILE B 307 2.10 -1.49 29.54
CA ILE B 307 1.62 -0.19 29.99
C ILE B 307 0.73 -0.30 31.22
N LYS B 308 0.74 0.74 32.05
CA LYS B 308 -0.07 0.77 33.27
C LYS B 308 -1.36 1.53 33.04
N LYS B 309 -2.48 0.89 33.36
CA LYS B 309 -3.80 1.50 33.18
C LYS B 309 -3.97 2.74 34.05
N LYS B 310 -4.18 3.89 33.39
CA LYS B 310 -4.33 5.16 34.09
C LYS B 310 -5.80 5.48 34.38
N TYR B 311 -6.66 5.26 33.41
CA TYR B 311 -8.07 5.66 33.49
C TYR B 311 -9.01 4.48 33.71
N ASP B 312 -10.07 4.71 34.48
CA ASP B 312 -11.10 3.70 34.70
C ASP B 312 -12.34 4.00 33.85
N LEU B 313 -13.44 3.33 34.16
CA LEU B 313 -14.67 3.48 33.38
C LEU B 313 -15.35 4.83 33.63
N ALA B 314 -15.13 5.41 34.81
CA ALA B 314 -15.68 6.72 35.13
C ALA B 314 -15.03 7.79 34.25
N ASP B 315 -13.73 7.64 34.01
CA ASP B 315 -13.01 8.55 33.14
C ASP B 315 -13.45 8.40 31.70
N LEU B 316 -13.65 7.16 31.28
CA LEU B 316 -14.06 6.86 29.91
C LEU B 316 -15.40 7.51 29.59
N ARG B 317 -16.25 7.63 30.60
CA ARG B 317 -17.56 8.26 30.44
C ARG B 317 -17.40 9.77 30.29
N ARG B 318 -16.54 10.36 31.13
CA ARG B 318 -16.32 11.80 31.08
C ARG B 318 -15.64 12.21 29.78
N LEU B 319 -14.90 11.28 29.19
CA LEU B 319 -14.28 11.53 27.88
C LEU B 319 -15.37 11.53 26.81
N ASN B 320 -16.27 10.56 26.88
CA ASN B 320 -17.35 10.45 25.92
C ASN B 320 -18.21 11.70 25.91
N GLU B 321 -18.57 12.17 27.09
CA GLU B 321 -19.39 13.37 27.23
C GLU B 321 -18.66 14.61 26.68
N TYR B 322 -17.35 14.66 26.92
CA TYR B 322 -16.55 15.80 26.48
C TYR B 322 -16.43 15.84 24.96
N VAL B 323 -16.12 14.71 24.35
CA VAL B 323 -15.94 14.64 22.90
C VAL B 323 -17.24 14.87 22.16
N THR B 324 -18.32 14.25 22.63
CA THR B 324 -19.62 14.39 21.97
C THR B 324 -20.07 15.85 21.97
N ASP B 325 -19.85 16.54 23.09
CA ASP B 325 -20.23 17.94 23.19
C ASP B 325 -19.39 18.81 22.24
N TYR B 326 -18.12 18.46 22.08
CA TYR B 326 -17.24 19.17 21.16
C TYR B 326 -17.73 19.00 19.73
N ILE B 327 -18.12 17.76 19.39
CA ILE B 327 -18.59 17.45 18.06
C ILE B 327 -19.89 18.21 17.74
N THR B 328 -20.81 18.24 18.69
CA THR B 328 -22.08 18.92 18.49
C THR B 328 -21.90 20.42 18.42
N GLN B 329 -20.98 20.95 19.24
CA GLN B 329 -20.70 22.38 19.25
C GLN B 329 -19.98 22.81 17.98
N ARG B 330 -19.07 21.98 17.50
CA ARG B 330 -18.38 22.24 16.24
C ARG B 330 -19.33 22.02 15.06
N GLU B 331 -20.47 21.38 15.35
CA GLU B 331 -21.47 21.09 14.33
C GLU B 331 -20.90 20.18 13.23
N ALA B 332 -20.15 19.17 13.65
CA ALA B 332 -19.55 18.24 12.72
C ALA B 332 -20.35 16.94 12.64
N ASN B 333 -20.21 16.24 11.52
CA ASN B 333 -20.88 14.96 11.31
C ASN B 333 -19.91 13.80 11.50
N LEU B 334 -19.68 13.43 12.75
CA LEU B 334 -18.77 12.33 13.08
C LEU B 334 -19.41 11.37 14.07
N ASN B 335 -19.49 10.10 13.67
CA ASN B 335 -19.96 9.06 14.56
C ASN B 335 -18.87 8.74 15.58
N PHE B 336 -19.14 9.01 16.85
CA PHE B 336 -18.16 8.78 17.90
C PHE B 336 -18.75 7.92 19.02
N ALA B 337 -17.94 6.99 19.53
CA ALA B 337 -18.41 6.06 20.55
C ALA B 337 -17.26 5.48 21.36
N THR B 338 -17.42 5.46 22.68
CA THR B 338 -16.50 4.73 23.54
C THR B 338 -16.94 3.28 23.57
N GLU B 339 -15.99 2.37 23.80
CA GLU B 339 -16.29 0.94 23.76
C GLU B 339 -15.63 0.18 24.89
N GLY B 340 -16.07 -1.05 25.07
CA GLY B 340 -15.60 -1.91 26.14
C GLY B 340 -16.78 -2.49 26.90
N CYS B 341 -16.49 -3.34 27.87
CA CYS B 341 -17.52 -3.99 28.68
C CYS B 341 -17.81 -3.20 29.95
N HIS B 342 -19.04 -3.33 30.45
CA HIS B 342 -19.43 -2.78 31.74
C HIS B 342 -19.29 -1.27 31.82
N LEU B 343 -19.44 -0.59 30.69
CA LEU B 343 -19.42 0.86 30.66
C LEU B 343 -20.62 1.45 31.39
N PHE B 344 -21.68 0.65 31.51
CA PHE B 344 -22.89 1.09 32.19
C PHE B 344 -22.68 1.24 33.70
N THR B 345 -21.63 0.62 34.22
CA THR B 345 -21.33 0.69 35.64
C THR B 345 -20.94 2.10 36.08
N ALA B 346 -20.66 2.97 35.12
CA ALA B 346 -20.27 4.35 35.43
C ALA B 346 -21.46 5.30 35.38
N TYR B 347 -22.66 4.73 35.28
CA TYR B 347 -23.90 5.52 35.20
C TYR B 347 -24.86 5.15 36.32
N PRO B 348 -24.75 5.81 37.48
CA PRO B 348 -25.74 5.60 38.54
C PRO B 348 -27.11 6.15 38.16
N GLU B 349 -27.22 6.68 36.94
CA GLU B 349 -28.51 7.10 36.40
C GLU B 349 -29.37 5.86 36.18
N LEU B 350 -28.74 4.81 35.66
CA LEU B 350 -29.32 3.48 35.69
C LEU B 350 -29.24 2.96 37.13
N ILE B 351 -29.48 1.66 37.32
CA ILE B 351 -29.53 1.08 38.66
C ILE B 351 -30.58 1.76 39.53
N ASN B 352 -31.57 2.35 38.87
CA ASN B 352 -32.75 2.88 39.55
C ASN B 352 -33.63 1.73 40.03
N ASN B 353 -33.38 0.55 39.47
CA ASN B 353 -34.15 -0.65 39.80
C ASN B 353 -35.60 -0.55 39.37
N SER B 354 -35.89 0.40 38.49
CA SER B 354 -37.23 0.56 37.93
C SER B 354 -37.23 0.21 36.44
N ILE B 355 -36.12 0.52 35.78
CA ILE B 355 -35.95 0.23 34.37
C ILE B 355 -36.07 -1.26 34.08
N GLU B 356 -36.80 -1.61 33.03
CA GLU B 356 -37.00 -2.99 32.64
C GLU B 356 -36.50 -3.25 31.23
N PHE B 357 -36.08 -4.48 30.97
CA PHE B 357 -35.56 -4.87 29.66
C PHE B 357 -36.55 -5.74 28.90
N SER B 358 -36.56 -5.62 27.58
CA SER B 358 -37.32 -6.53 26.73
C SER B 358 -36.55 -7.85 26.65
N GLU B 359 -37.19 -8.88 26.12
CA GLU B 359 -36.59 -10.20 26.07
C GLU B 359 -35.37 -10.23 25.15
N PHE B 360 -35.20 -9.19 24.34
CA PHE B 360 -34.04 -9.07 23.46
C PHE B 360 -32.94 -8.22 24.10
N ASP B 361 -33.35 -7.20 24.86
CA ASP B 361 -32.40 -6.31 25.51
C ASP B 361 -31.58 -7.05 26.57
N GLU B 362 -32.23 -7.98 27.26
CA GLU B 362 -31.56 -8.80 28.26
C GLU B 362 -30.36 -9.53 27.68
N MET B 363 -30.49 -9.96 26.43
CA MET B 363 -29.47 -10.74 25.76
C MET B 363 -28.53 -9.85 24.95
N TYR B 364 -29.06 -8.75 24.43
CA TYR B 364 -28.29 -7.85 23.58
C TYR B 364 -27.34 -6.99 24.40
N TYR B 365 -27.88 -6.31 25.40
CA TYR B 365 -27.07 -5.45 26.26
C TYR B 365 -26.20 -6.28 27.20
N GLY B 366 -25.06 -5.73 27.59
CA GLY B 366 -24.17 -6.38 28.53
C GLY B 366 -23.11 -7.25 27.88
N CYS B 367 -22.75 -8.34 28.56
CA CYS B 367 -21.72 -9.26 28.08
C CYS B 367 -22.14 -9.91 26.78
N ARG B 368 -21.40 -9.62 25.71
CA ARG B 368 -21.75 -10.09 24.37
C ARG B 368 -21.38 -11.55 24.14
N ALA B 369 -20.54 -12.10 25.02
CA ALA B 369 -20.07 -13.48 24.85
C ALA B 369 -21.21 -14.47 25.07
N LYS B 370 -22.28 -14.02 25.73
CA LYS B 370 -23.41 -14.87 26.02
C LYS B 370 -24.22 -15.24 24.78
N TYR B 371 -24.82 -14.25 24.12
CA TYR B 371 -25.80 -14.50 23.06
C TYR B 371 -25.58 -13.77 21.73
N THR B 372 -24.60 -12.87 21.66
CA THR B 372 -24.48 -11.98 20.50
C THR B 372 -23.11 -11.99 19.82
N LYS B 373 -22.18 -12.79 20.32
CA LYS B 373 -20.82 -12.79 19.79
C LYS B 373 -20.18 -14.18 19.73
N MET B 374 -19.35 -14.37 18.71
CA MET B 374 -18.53 -15.59 18.59
C MET B 374 -17.16 -15.22 18.03
N GLU B 375 -16.12 -15.77 18.63
CA GLU B 375 -14.75 -15.51 18.20
C GLU B 375 -14.02 -16.80 17.84
N ILE B 376 -13.48 -16.84 16.63
CA ILE B 376 -12.78 -18.02 16.13
C ILE B 376 -11.29 -17.73 15.93
N MET B 377 -10.45 -18.55 16.54
CA MET B 377 -9.00 -18.33 16.54
C MET B 377 -8.39 -18.81 15.22
N SER B 378 -7.07 -18.67 15.11
CA SER B 378 -6.36 -18.98 13.87
C SER B 378 -6.26 -20.48 13.63
N ASN B 379 -6.29 -21.26 14.72
CA ASN B 379 -6.23 -22.72 14.61
C ASN B 379 -7.63 -23.33 14.41
N GLY B 380 -8.66 -22.53 14.69
CA GLY B 380 -10.04 -22.97 14.52
C GLY B 380 -10.83 -23.00 15.82
N ASP B 381 -10.14 -22.79 16.93
CA ASP B 381 -10.77 -22.83 18.24
C ASP B 381 -11.88 -21.79 18.36
N ILE B 382 -13.06 -22.23 18.80
CA ILE B 382 -14.21 -21.35 18.99
C ILE B 382 -14.32 -20.92 20.44
N LEU B 383 -14.35 -19.61 20.65
CA LEU B 383 -14.49 -19.03 21.98
C LEU B 383 -15.68 -18.08 21.99
N PRO B 384 -16.44 -18.04 23.10
CA PRO B 384 -17.49 -17.01 23.20
C PRO B 384 -16.89 -15.61 23.21
N CYS B 385 -15.68 -15.49 23.74
CA CYS B 385 -14.98 -14.23 23.84
C CYS B 385 -13.48 -14.47 23.84
N ILE B 386 -12.72 -13.46 23.44
CA ILE B 386 -11.26 -13.59 23.38
C ILE B 386 -10.69 -13.83 24.78
N ALA B 387 -11.43 -13.41 25.80
CA ALA B 387 -11.01 -13.57 27.18
C ALA B 387 -10.86 -15.04 27.57
N PHE B 388 -11.56 -15.92 26.86
CA PHE B 388 -11.51 -17.36 27.12
C PHE B 388 -10.19 -17.98 26.69
N LEU B 389 -9.32 -17.17 26.08
CA LEU B 389 -8.04 -17.66 25.59
C LEU B 389 -7.21 -18.28 26.72
N GLY B 390 -7.23 -17.63 27.88
CA GLY B 390 -6.53 -18.13 29.05
C GLY B 390 -7.46 -18.93 29.95
N VAL B 391 -8.02 -20.01 29.41
CA VAL B 391 -8.91 -20.88 30.18
C VAL B 391 -8.59 -22.34 29.88
N ASN B 392 -8.23 -23.09 30.92
CA ASN B 392 -7.90 -24.50 30.78
C ASN B 392 -9.14 -25.37 30.59
N GLN B 393 -9.70 -25.31 29.38
CA GLN B 393 -10.84 -26.16 29.03
C GLN B 393 -10.81 -26.53 27.55
N THR B 394 -11.56 -27.57 27.19
CA THR B 394 -11.66 -28.00 25.81
C THR B 394 -12.32 -26.91 24.97
N LYS B 395 -11.92 -26.83 23.71
CA LYS B 395 -12.45 -25.84 22.78
C LYS B 395 -12.67 -26.46 21.41
N GLN B 396 -13.90 -26.42 20.94
CA GLN B 396 -14.26 -27.07 19.68
C GLN B 396 -13.66 -26.32 18.50
N ASN B 397 -13.52 -27.02 17.37
CA ASN B 397 -12.87 -26.47 16.19
C ASN B 397 -13.87 -26.07 15.11
N ALA B 398 -13.69 -24.87 14.56
CA ALA B 398 -14.62 -24.33 13.57
C ALA B 398 -14.46 -25.01 12.22
N PHE B 399 -13.24 -25.43 11.89
CA PHE B 399 -12.97 -26.05 10.60
C PHE B 399 -13.59 -27.44 10.50
N GLU B 400 -13.62 -28.16 11.61
CA GLU B 400 -14.15 -29.52 11.63
C GLU B 400 -15.67 -29.54 11.82
N LYS B 401 -16.13 -28.93 12.90
CA LYS B 401 -17.55 -28.94 13.24
C LYS B 401 -18.32 -27.81 12.55
N ASP B 402 -19.65 -27.87 12.66
CA ASP B 402 -20.51 -26.82 12.13
C ASP B 402 -20.76 -25.76 13.18
N LEU B 403 -20.72 -24.49 12.77
CA LEU B 403 -20.85 -23.37 13.69
C LEU B 403 -22.16 -23.41 14.47
N LEU B 404 -23.26 -23.72 13.79
CA LEU B 404 -24.57 -23.70 14.43
C LEU B 404 -24.68 -24.77 15.51
N ASP B 405 -24.02 -25.91 15.31
CA ASP B 405 -24.05 -27.00 16.27
C ASP B 405 -23.34 -26.59 17.56
N VAL B 406 -22.19 -25.92 17.41
CA VAL B 406 -21.41 -25.47 18.55
C VAL B 406 -22.17 -24.39 19.33
N TRP B 407 -22.85 -23.52 18.60
CA TRP B 407 -23.61 -22.42 19.20
C TRP B 407 -24.64 -22.93 20.21
N TYR B 408 -25.10 -24.16 20.01
CA TYR B 408 -26.11 -24.76 20.89
C TYR B 408 -25.50 -25.52 22.06
N ASP B 409 -24.57 -26.42 21.77
CA ASP B 409 -24.15 -27.44 22.73
C ASP B 409 -22.83 -27.18 23.47
N ASP B 410 -22.12 -26.12 23.08
CA ASP B 410 -20.76 -25.90 23.59
C ASP B 410 -20.75 -25.70 25.11
N PRO B 411 -19.79 -26.33 25.81
CA PRO B 411 -19.74 -26.24 27.28
C PRO B 411 -19.31 -24.87 27.79
N LEU B 412 -18.48 -24.16 27.02
CA LEU B 412 -18.02 -22.84 27.44
C LEU B 412 -19.17 -21.83 27.35
N TYR B 413 -19.99 -21.97 26.31
CA TYR B 413 -21.17 -21.12 26.16
C TYR B 413 -22.18 -21.42 27.27
N GLY B 414 -22.41 -22.70 27.51
CA GLY B 414 -23.35 -23.12 28.54
C GLY B 414 -22.95 -22.60 29.91
N GLY B 415 -21.64 -22.55 30.15
CA GLY B 415 -21.13 -22.05 31.42
C GLY B 415 -21.46 -20.59 31.66
N ILE B 416 -21.13 -19.75 30.69
CA ILE B 416 -21.30 -18.31 30.84
C ILE B 416 -22.77 -17.89 30.75
N ARG B 417 -23.55 -18.59 29.94
CA ARG B 417 -24.96 -18.28 29.77
C ARG B 417 -25.77 -18.55 31.03
N SER B 418 -25.40 -19.58 31.77
CA SER B 418 -26.20 -20.05 32.91
C SER B 418 -25.69 -19.51 34.25
N PHE B 419 -24.62 -18.72 34.23
CA PHE B 419 -24.06 -18.19 35.46
C PHE B 419 -25.02 -17.17 36.09
N ARG B 420 -25.12 -17.22 37.42
CA ARG B 420 -25.97 -16.30 38.17
C ARG B 420 -25.29 -15.95 39.49
N THR B 421 -25.25 -14.67 39.83
CA THR B 421 -24.58 -14.22 41.05
C THR B 421 -25.52 -14.23 42.24
N LYS B 422 -24.93 -14.26 43.44
CA LYS B 422 -25.67 -14.26 44.70
C LYS B 422 -25.30 -13.03 45.55
N ASN B 423 -24.46 -12.16 45.02
CA ASN B 423 -24.06 -10.95 45.71
C ASN B 423 -25.25 -10.02 45.97
N SER B 424 -25.38 -9.58 47.23
CA SER B 424 -26.54 -8.79 47.63
C SER B 424 -26.62 -7.45 46.92
N LYS B 425 -25.47 -6.84 46.65
CA LYS B 425 -25.44 -5.56 45.96
C LYS B 425 -25.93 -5.72 44.52
N CYS B 426 -25.61 -6.86 43.93
CA CYS B 426 -26.00 -7.18 42.57
C CYS B 426 -27.46 -7.59 42.47
N LEU B 427 -27.94 -8.34 43.46
CA LEU B 427 -29.31 -8.85 43.44
C LEU B 427 -30.34 -7.72 43.46
N SER B 428 -29.97 -6.61 44.08
CA SER B 428 -30.84 -5.43 44.15
C SER B 428 -30.48 -4.42 43.07
N CYS B 429 -29.50 -4.75 42.23
CA CYS B 429 -29.08 -3.85 41.16
C CYS B 429 -29.96 -4.00 39.93
N GLY B 430 -30.39 -2.88 39.38
CA GLY B 430 -31.24 -2.88 38.21
C GLY B 430 -30.62 -3.55 36.99
N LEU B 431 -29.28 -3.57 36.95
CA LEU B 431 -28.55 -4.11 35.81
C LEU B 431 -28.12 -5.57 36.04
N LEU B 432 -28.70 -6.21 37.04
CA LEU B 432 -28.40 -7.60 37.40
C LEU B 432 -28.38 -8.54 36.20
N LYS B 433 -29.47 -8.52 35.43
CA LYS B 433 -29.67 -9.52 34.37
C LYS B 433 -28.60 -9.49 33.28
N ILE B 434 -28.04 -8.31 33.00
CA ILE B 434 -27.06 -8.17 31.92
C ILE B 434 -25.62 -8.17 32.43
N CYS B 435 -25.44 -8.09 33.75
CA CYS B 435 -24.11 -8.01 34.35
C CYS B 435 -23.76 -9.24 35.18
N GLU B 436 -24.64 -9.58 36.12
CA GLU B 436 -24.41 -10.73 37.01
C GLU B 436 -23.08 -10.62 37.75
N GLY B 437 -22.74 -9.43 38.20
CA GLY B 437 -21.56 -9.22 39.03
C GLY B 437 -20.27 -8.99 38.27
N GLY B 438 -20.38 -8.77 36.96
CA GLY B 438 -19.22 -8.44 36.14
C GLY B 438 -18.75 -9.58 35.25
N CYS B 439 -17.52 -9.45 34.75
CA CYS B 439 -16.98 -10.37 33.75
C CYS B 439 -16.86 -11.80 34.27
N TYR B 440 -17.61 -12.70 33.63
CA TYR B 440 -17.62 -14.13 33.98
C TYR B 440 -16.23 -14.74 34.04
N VAL B 441 -15.37 -14.37 33.09
CA VAL B 441 -14.02 -14.92 33.01
C VAL B 441 -13.20 -14.56 34.25
N ASN B 442 -13.36 -13.32 34.72
CA ASN B 442 -12.64 -12.86 35.91
C ASN B 442 -13.20 -13.47 37.19
N LEU B 443 -14.52 -13.63 37.25
CA LEU B 443 -15.19 -14.12 38.45
C LEU B 443 -14.81 -15.57 38.78
N ILE B 444 -14.77 -16.43 37.76
CA ILE B 444 -14.52 -17.86 37.99
C ILE B 444 -13.10 -18.13 38.51
N LYS B 445 -12.26 -17.09 38.53
CA LYS B 445 -10.91 -17.23 39.06
C LYS B 445 -10.88 -16.92 40.56
N GLU B 446 -12.00 -16.41 41.08
CA GLU B 446 -12.12 -16.09 42.50
C GLU B 446 -12.55 -17.33 43.29
N LYS B 447 -12.32 -17.28 44.60
CA LYS B 447 -12.61 -18.41 45.47
C LYS B 447 -14.10 -18.77 45.46
N SER B 448 -14.95 -17.75 45.52
CA SER B 448 -16.39 -17.94 45.47
C SER B 448 -17.00 -17.03 44.40
N PRO B 449 -16.94 -17.47 43.13
CA PRO B 449 -17.38 -16.66 42.00
C PRO B 449 -18.79 -16.10 42.15
N GLU B 450 -19.68 -16.84 42.80
CA GLU B 450 -21.08 -16.43 42.92
C GLU B 450 -21.31 -15.32 43.94
N TYR B 451 -20.30 -15.02 44.75
CA TYR B 451 -20.40 -13.96 45.75
C TYR B 451 -19.42 -12.82 45.50
N PHE B 452 -18.47 -13.04 44.59
CA PHE B 452 -17.50 -12.01 44.26
C PHE B 452 -18.07 -11.02 43.26
N ARG B 453 -17.90 -9.73 43.56
CA ARG B 453 -18.29 -8.65 42.65
C ARG B 453 -17.05 -8.02 42.05
N ASP B 454 -17.02 -7.95 40.72
CA ASP B 454 -15.86 -7.43 39.99
C ASP B 454 -15.47 -6.03 40.47
N SER B 455 -14.17 -5.82 40.63
CA SER B 455 -13.65 -4.53 41.09
C SER B 455 -13.91 -3.43 40.07
N VAL B 456 -14.28 -3.82 38.86
CA VAL B 456 -14.65 -2.89 37.81
C VAL B 456 -15.83 -2.02 38.26
N CYS B 457 -16.73 -2.63 39.02
CA CYS B 457 -17.88 -1.92 39.56
C CYS B 457 -17.64 -1.55 41.02
N GLN B 458 -17.94 -0.32 41.39
CA GLN B 458 -17.75 0.15 42.76
C GLN B 458 -19.02 0.73 43.36
N LEU B 459 -20.16 0.44 42.73
CA LEU B 459 -21.45 0.90 43.24
C LEU B 459 -21.86 0.13 44.48
#